data_5EHH
#
_entry.id   5EHH
#
_cell.length_a   120.035
_cell.length_b   105.457
_cell.length_c   64.719
_cell.angle_alpha   90.00
_cell.angle_beta   93.49
_cell.angle_gamma   90.00
#
_symmetry.space_group_name_H-M   'C 1 2 1'
#
loop_
_entity.id
_entity.type
_entity.pdbx_description
1 polymer 'Dipeptidyl peptidase 3'
2 polymer Endomorphin-2
3 non-polymer 'ZINC ION'
4 non-polymer 'MAGNESIUM ION'
5 non-polymer 'POTASSIUM ION'
6 water water
#
loop_
_entity_poly.entity_id
_entity_poly.type
_entity_poly.pdbx_seq_one_letter_code
_entity_poly.pdbx_strand_id
1 'polypeptide(L)'
;MADTQYILPNDIGVSSLDSREAFRLLSPTERLYAYHLSRAAWYGGLAVLLQTSPEAPYIYALLSRLFRAQDPDQLRQHAL
AEGLTEEEYQAFLVYAAGVYSNMGNYKSFGDTKFVPNLPKEKLERVILGSEAAQQHPEEVRGLWQTCGELMFSLEPRLRH
LGLGKEGITTYFSGNCTMEDAKLAQDFLDSQNLSAYNTRLFKEVDGCGKPYYEVRLASVLGSEPSLDSEVTSKLKSYEFR
GSPFQVTRGDYAPILQKVVEQLEKAKAYAANSHQGQMLAQYIESFTQGSIEAHKRGSRFWIQDKGPIVESYIGFIESYRD
PFGSRGEFEGFVAVVNKAMSAKFERLVASAEQLLKELPWPPTFEKDKFLTPDFTSLDVLTFAGSGIPAGINIPNYDDLRQ
TEGFKNVSLGNVLAVAYATQREKLTFLEEDDKDLYILWKGPSFDVQVGLHALLGHGSGKLFVQDEKGAFNFDQETVINPE
TGEQIQSWYRCGETWDSKFSTIASSYEECRAESVGLYLSLHPQVLEIFGFEGADAEDVIYVNWLNMVRAGLLALEFYTPE
AFNWRQAHMQARFVILRVLLEAGEGLVTITPTTGSDGRPDARVRLDRSKIRSVGKPALERFLRRLQVLKSTGDVAGGRAL
YEGYATVTDAPPESFLTLRDTVLLRKESRKLIVQPNTRLEGSDVQLLEYEASAAGLIRSFSERFPEDGPELEEILTQLAT
ADARFW
;
A
2 'polypeptide(L)' YPFF(NH2) B
#
loop_
_chem_comp.id
_chem_comp.type
_chem_comp.name
_chem_comp.formula
K non-polymer 'POTASSIUM ION' 'K 1'
MG non-polymer 'MAGNESIUM ION' 'Mg 2'
NH2 non-polymer 'AMINO GROUP' 'H2 N'
ZN non-polymer 'ZINC ION' 'Zn 2'
#
# COMPACT_ATOMS: atom_id res chain seq x y z
N ASP A 3 3.43 22.64 -6.40
CA ASP A 3 2.25 22.88 -5.60
C ASP A 3 0.97 22.97 -6.45
N THR A 4 0.96 22.33 -7.60
CA THR A 4 -0.22 22.25 -8.44
C THR A 4 -0.78 20.83 -8.46
N GLN A 5 -2.09 20.70 -8.40
CA GLN A 5 -2.70 19.38 -8.33
C GLN A 5 -2.47 18.62 -9.62
N TYR A 6 -2.39 17.30 -9.54
CA TYR A 6 -2.31 16.45 -10.73
C TYR A 6 -1.05 16.65 -11.56
N ILE A 7 -0.04 17.30 -10.98
CA ILE A 7 1.29 17.34 -11.59
C ILE A 7 2.36 17.10 -10.54
N LEU A 8 3.50 16.54 -10.95
CA LEU A 8 4.63 16.39 -10.07
C LEU A 8 5.58 17.57 -10.29
N PRO A 9 5.94 18.25 -9.20
CA PRO A 9 6.83 19.41 -9.29
C PRO A 9 8.22 19.03 -9.81
N ASN A 10 8.85 19.94 -10.55
CA ASN A 10 10.18 19.68 -11.10
C ASN A 10 11.21 19.47 -10.00
N ASP A 11 11.06 20.20 -8.90
CA ASP A 11 12.01 20.11 -7.80
C ASP A 11 11.57 19.10 -6.74
N ILE A 12 10.80 18.09 -7.19
CA ILE A 12 10.35 17.04 -6.28
C ILE A 12 11.55 16.29 -5.71
N GLY A 13 11.45 15.93 -4.44
CA GLY A 13 12.53 15.25 -3.75
C GLY A 13 12.77 13.85 -4.27
N VAL A 14 14.04 13.52 -4.51
CA VAL A 14 14.42 12.17 -4.88
C VAL A 14 15.54 11.69 -3.97
N SER A 15 15.37 10.52 -3.38
CA SER A 15 16.38 9.95 -2.50
C SER A 15 16.70 8.52 -2.90
N SER A 16 17.96 8.13 -2.73
CA SER A 16 18.38 6.78 -3.07
C SER A 16 18.38 5.87 -1.85
N LEU A 17 17.86 4.67 -2.04
CA LEU A 17 17.85 3.66 -0.99
C LEU A 17 19.27 3.23 -0.65
N ASP A 18 19.60 3.26 0.64
CA ASP A 18 20.94 2.88 1.09
C ASP A 18 21.00 1.39 1.42
N SER A 19 21.58 0.61 0.52
CA SER A 19 21.54 -0.85 0.64
C SER A 19 22.92 -1.49 0.54
N ARG A 20 23.96 -0.67 0.41
CA ARG A 20 25.31 -1.15 0.16
C ARG A 20 25.86 -2.02 1.30
N GLU A 21 25.73 -1.55 2.53
CA GLU A 21 26.29 -2.26 3.68
C GLU A 21 25.58 -3.59 3.94
N ALA A 22 24.27 -3.59 3.84
CA ALA A 22 23.49 -4.81 4.04
C ALA A 22 23.86 -5.86 3.01
N PHE A 23 24.11 -5.42 1.78
CA PHE A 23 24.45 -6.32 0.68
C PHE A 23 25.84 -6.93 0.86
N ARG A 24 26.76 -6.17 1.44
CA ARG A 24 28.14 -6.64 1.62
C ARG A 24 28.24 -7.82 2.57
N LEU A 25 27.29 -7.93 3.49
CA LEU A 25 27.32 -8.97 4.50
C LEU A 25 26.79 -10.30 3.96
N LEU A 26 26.07 -10.25 2.85
CA LEU A 26 25.46 -11.45 2.28
C LEU A 26 26.49 -12.40 1.68
N SER A 27 26.31 -13.69 1.93
CA SER A 27 27.15 -14.72 1.34
C SER A 27 26.81 -14.87 -0.13
N PRO A 28 27.70 -15.48 -0.93
CA PRO A 28 27.42 -15.72 -2.34
C PRO A 28 26.10 -16.43 -2.60
N THR A 29 25.75 -17.41 -1.77
CA THR A 29 24.51 -18.14 -1.92
C THR A 29 23.31 -17.23 -1.65
N GLU A 30 23.42 -16.43 -0.59
CA GLU A 30 22.36 -15.50 -0.22
C GLU A 30 22.17 -14.43 -1.28
N ARG A 31 23.25 -14.02 -1.92
CA ARG A 31 23.19 -12.99 -2.95
C ARG A 31 22.48 -13.50 -4.20
N LEU A 32 22.75 -14.75 -4.57
CA LEU A 32 22.06 -15.38 -5.68
C LEU A 32 20.59 -15.60 -5.34
N TYR A 33 20.32 -15.88 -4.08
CA TYR A 33 18.96 -16.03 -3.58
C TYR A 33 18.20 -14.71 -3.72
N ALA A 34 18.83 -13.63 -3.26
CA ALA A 34 18.23 -12.31 -3.33
C ALA A 34 18.13 -11.81 -4.76
N TYR A 35 19.07 -12.22 -5.61
CA TYR A 35 19.10 -11.80 -7.00
C TYR A 35 17.85 -12.25 -7.76
N HIS A 36 17.55 -13.53 -7.66
CA HIS A 36 16.42 -14.10 -8.38
C HIS A 36 15.09 -13.64 -7.82
N LEU A 37 15.01 -13.54 -6.49
CA LEU A 37 13.80 -13.04 -5.85
C LEU A 37 13.52 -11.60 -6.26
N SER A 38 14.57 -10.79 -6.34
CA SER A 38 14.45 -9.42 -6.82
C SER A 38 13.93 -9.40 -8.25
N ARG A 39 14.48 -10.27 -9.09
CA ARG A 39 14.03 -10.41 -10.47
C ARG A 39 12.55 -10.78 -10.54
N ALA A 40 12.13 -11.68 -9.66
CA ALA A 40 10.73 -12.10 -9.60
C ALA A 40 9.83 -10.97 -9.16
N ALA A 41 10.33 -10.16 -8.22
CA ALA A 41 9.56 -9.04 -7.70
C ALA A 41 9.38 -7.96 -8.76
N TRP A 42 10.46 -7.58 -9.41
CA TRP A 42 10.44 -6.55 -10.39
C TRP A 42 9.57 -6.92 -11.57
N TYR A 43 9.59 -8.17 -11.94
CA TYR A 43 8.76 -8.69 -12.99
C TYR A 43 7.29 -8.62 -12.68
N GLY A 44 6.91 -9.11 -11.52
CA GLY A 44 5.52 -9.03 -11.11
C GLY A 44 5.05 -7.61 -10.85
N GLY A 45 5.98 -6.74 -10.48
CA GLY A 45 5.66 -5.35 -10.23
C GLY A 45 5.07 -4.65 -11.44
N LEU A 46 5.40 -5.17 -12.63
CA LEU A 46 4.88 -4.62 -13.87
C LEU A 46 3.37 -4.81 -13.99
N ALA A 47 2.83 -5.80 -13.28
CA ALA A 47 1.41 -6.09 -13.33
C ALA A 47 0.60 -4.96 -12.69
N VAL A 48 1.25 -4.20 -11.82
CA VAL A 48 0.61 -3.05 -11.17
C VAL A 48 0.17 -2.02 -12.22
N LEU A 49 0.93 -1.93 -13.30
CA LEU A 49 0.57 -1.07 -14.43
C LEU A 49 -0.80 -1.42 -14.97
N LEU A 50 -1.07 -2.72 -15.09
CA LEU A 50 -2.37 -3.20 -15.55
C LEU A 50 -3.44 -3.01 -14.49
N GLN A 51 -3.01 -2.92 -13.23
CA GLN A 51 -3.91 -2.76 -12.11
C GLN A 51 -4.14 -1.29 -11.73
N THR A 52 -3.66 -0.38 -12.58
CA THR A 52 -3.75 1.04 -12.27
C THR A 52 -4.68 1.79 -13.21
N SER A 53 -4.34 1.82 -14.50
CA SER A 53 -5.15 2.52 -15.48
C SER A 53 -4.99 1.86 -16.84
N PRO A 54 -5.96 2.07 -17.76
CA PRO A 54 -5.88 1.47 -19.09
C PRO A 54 -4.64 1.91 -19.87
N GLU A 55 -4.23 3.16 -19.71
CA GLU A 55 -3.14 3.72 -20.50
C GLU A 55 -1.77 3.49 -19.87
N ALA A 56 -1.77 3.09 -18.60
CA ALA A 56 -0.52 2.90 -17.86
C ALA A 56 0.46 1.90 -18.49
N PRO A 57 -0.02 0.73 -18.96
CA PRO A 57 0.94 -0.18 -19.59
C PRO A 57 1.55 0.39 -20.86
N TYR A 58 0.78 1.16 -21.61
CA TYR A 58 1.27 1.79 -22.83
C TYR A 58 2.33 2.84 -22.50
N ILE A 59 2.06 3.64 -21.48
CA ILE A 59 2.96 4.71 -21.06
C ILE A 59 4.31 4.13 -20.64
N TYR A 60 4.29 3.06 -19.86
CA TYR A 60 5.53 2.40 -19.46
C TYR A 60 6.29 1.87 -20.68
N ALA A 61 5.58 1.25 -21.61
CA ALA A 61 6.20 0.70 -22.81
C ALA A 61 6.82 1.80 -23.65
N LEU A 62 6.16 2.94 -23.73
CA LEU A 62 6.65 4.07 -24.49
C LEU A 62 7.90 4.66 -23.84
N LEU A 63 7.86 4.80 -22.52
CA LEU A 63 8.98 5.35 -21.77
C LEU A 63 10.17 4.41 -21.81
N SER A 64 9.91 3.12 -21.68
CA SER A 64 10.95 2.11 -21.70
C SER A 64 11.64 2.04 -23.06
N ARG A 65 10.86 2.19 -24.13
CA ARG A 65 11.40 2.22 -25.48
C ARG A 65 12.26 3.47 -25.70
N LEU A 66 11.79 4.59 -25.16
CA LEU A 66 12.47 5.88 -25.32
C LEU A 66 13.85 5.88 -24.67
N PHE A 67 13.90 5.39 -23.44
CA PHE A 67 15.12 5.51 -22.65
C PHE A 67 16.09 4.35 -22.87
N ARG A 68 15.67 3.34 -23.61
CA ARG A 68 16.57 2.26 -23.99
C ARG A 68 17.46 2.73 -25.14
N ALA A 69 16.88 3.53 -26.03
CA ALA A 69 17.61 4.05 -27.17
C ALA A 69 18.45 5.26 -26.79
N GLN A 70 17.90 6.11 -25.92
CA GLN A 70 18.58 7.32 -25.49
C GLN A 70 18.46 7.52 -23.97
N ASP A 71 19.59 7.53 -23.27
CA ASP A 71 19.57 7.79 -21.83
C ASP A 71 19.15 9.25 -21.59
N PRO A 72 18.83 9.61 -20.33
CA PRO A 72 18.37 10.98 -20.06
C PRO A 72 19.26 12.09 -20.62
N ASP A 73 20.57 11.84 -20.73
CA ASP A 73 21.49 12.85 -21.26
C ASP A 73 21.49 12.88 -22.78
N GLN A 74 21.33 11.70 -23.39
CA GLN A 74 21.24 11.61 -24.84
C GLN A 74 19.93 12.21 -25.33
N LEU A 75 18.83 11.87 -24.64
CA LEU A 75 17.52 12.36 -25.00
C LEU A 75 17.41 13.87 -24.79
N ARG A 76 18.15 14.39 -23.82
CA ARG A 76 18.18 15.82 -23.55
C ARG A 76 18.63 16.62 -24.77
N GLN A 77 19.70 16.15 -25.40
CA GLN A 77 20.26 16.83 -26.56
C GLN A 77 19.27 16.86 -27.72
N HIS A 78 18.47 15.80 -27.84
CA HIS A 78 17.43 15.74 -28.85
C HIS A 78 16.25 16.65 -28.50
N ALA A 79 15.81 16.57 -27.26
CA ALA A 79 14.66 17.33 -26.79
C ALA A 79 14.88 18.83 -26.87
N LEU A 80 16.06 19.27 -26.45
CA LEU A 80 16.39 20.69 -26.47
C LEU A 80 16.59 21.21 -27.89
N ALA A 81 17.04 20.32 -28.78
CA ALA A 81 17.19 20.67 -30.19
C ALA A 81 15.84 20.73 -30.88
N GLU A 82 14.81 20.21 -30.22
CA GLU A 82 13.46 20.22 -30.78
C GLU A 82 12.62 21.38 -30.24
N GLY A 83 13.20 22.18 -29.36
CA GLY A 83 12.53 23.39 -28.89
C GLY A 83 12.14 23.38 -27.43
N LEU A 84 12.33 22.26 -26.75
CA LEU A 84 12.03 22.18 -25.33
C LEU A 84 13.05 22.93 -24.50
N THR A 85 12.58 23.65 -23.48
CA THR A 85 13.49 24.26 -22.52
C THR A 85 14.01 23.18 -21.59
N GLU A 86 15.04 23.50 -20.82
CA GLU A 86 15.57 22.56 -19.85
C GLU A 86 14.52 22.26 -18.78
N GLU A 87 13.73 23.28 -18.47
CA GLU A 87 12.67 23.15 -17.47
C GLU A 87 11.58 22.18 -17.96
N GLU A 88 11.27 22.26 -19.24
CA GLU A 88 10.25 21.40 -19.83
C GLU A 88 10.73 19.96 -19.95
N TYR A 89 12.00 19.79 -20.24
CA TYR A 89 12.58 18.45 -20.31
C TYR A 89 12.65 17.83 -18.92
N GLN A 90 12.93 18.67 -17.93
CA GLN A 90 12.98 18.23 -16.54
C GLN A 90 11.61 17.75 -16.08
N ALA A 91 10.56 18.43 -16.53
CA ALA A 91 9.20 18.04 -16.19
C ALA A 91 8.87 16.65 -16.72
N PHE A 92 9.39 16.35 -17.91
CA PHE A 92 9.18 15.04 -18.52
C PHE A 92 9.92 13.95 -17.76
N LEU A 93 11.15 14.24 -17.36
CA LEU A 93 11.95 13.29 -16.58
C LEU A 93 11.28 12.98 -15.25
N VAL A 94 10.76 14.02 -14.60
CA VAL A 94 10.06 13.85 -13.33
C VAL A 94 8.80 13.01 -13.53
N TYR A 95 8.07 13.27 -14.61
CA TYR A 95 6.87 12.50 -14.91
C TYR A 95 7.18 11.03 -15.13
N ALA A 96 8.21 10.76 -15.94
CA ALA A 96 8.62 9.39 -16.24
C ALA A 96 9.05 8.67 -14.98
N ALA A 97 9.79 9.35 -14.13
CA ALA A 97 10.23 8.79 -12.87
C ALA A 97 9.03 8.53 -11.96
N GLY A 98 8.00 9.36 -12.11
CA GLY A 98 6.78 9.18 -11.36
C GLY A 98 6.04 7.92 -11.79
N VAL A 99 5.91 7.74 -13.10
CA VAL A 99 5.29 6.55 -13.65
C VAL A 99 6.05 5.29 -13.22
N TYR A 100 7.36 5.38 -13.22
CA TYR A 100 8.20 4.26 -12.82
C TYR A 100 8.05 3.93 -11.33
N SER A 101 8.12 4.95 -10.49
CA SER A 101 8.09 4.76 -9.05
C SER A 101 6.70 4.38 -8.53
N ASN A 102 5.68 4.61 -9.35
CA ASN A 102 4.31 4.27 -8.97
C ASN A 102 3.74 3.09 -9.75
N MET A 103 4.47 2.68 -10.79
CA MET A 103 3.98 1.67 -11.73
C MET A 103 2.61 2.07 -12.25
N GLY A 104 2.50 3.33 -12.69
CA GLY A 104 1.27 3.86 -13.20
C GLY A 104 1.27 5.38 -13.18
N ASN A 105 0.29 5.99 -13.85
CA ASN A 105 0.20 7.45 -13.88
C ASN A 105 -0.74 7.98 -12.80
N TYR A 106 -0.91 7.20 -11.74
CA TYR A 106 -1.66 7.62 -10.56
C TYR A 106 -0.80 7.44 -9.32
N LYS A 107 -0.87 8.40 -8.40
CA LYS A 107 -0.09 8.32 -7.16
C LYS A 107 -0.53 7.14 -6.31
N SER A 108 0.43 6.34 -5.87
CA SER A 108 0.13 5.21 -4.98
C SER A 108 -0.42 5.71 -3.65
N PHE A 109 0.01 6.91 -3.26
CA PHE A 109 -0.43 7.52 -2.01
C PHE A 109 -1.34 8.70 -2.31
N GLY A 110 -2.64 8.44 -2.44
CA GLY A 110 -3.60 9.48 -2.75
C GLY A 110 -4.50 9.14 -3.92
N ASP A 111 -4.07 8.17 -4.72
CA ASP A 111 -4.83 7.66 -5.86
C ASP A 111 -5.28 8.74 -6.83
N THR A 112 -4.45 9.78 -7.00
CA THR A 112 -4.74 10.84 -7.95
C THR A 112 -3.85 10.74 -9.18
N LYS A 113 -4.39 11.15 -10.32
CA LYS A 113 -3.65 11.15 -11.57
C LYS A 113 -2.62 12.26 -11.60
N PHE A 114 -1.49 12.00 -12.24
CA PHE A 114 -0.53 13.06 -12.51
C PHE A 114 -0.13 13.04 -13.98
N VAL A 115 0.06 14.24 -14.55
CA VAL A 115 0.33 14.39 -15.97
C VAL A 115 1.66 15.14 -16.19
N PRO A 116 2.26 14.99 -17.38
CA PRO A 116 3.49 15.72 -17.68
C PRO A 116 3.29 17.23 -17.63
N ASN A 117 4.22 17.93 -16.99
CA ASN A 117 4.12 19.38 -16.82
C ASN A 117 4.74 20.15 -17.99
N LEU A 118 4.31 19.83 -19.20
CA LEU A 118 4.80 20.50 -20.41
C LEU A 118 3.78 20.35 -21.52
N PRO A 119 3.84 21.22 -22.54
CA PRO A 119 2.91 21.12 -23.68
C PRO A 119 2.95 19.76 -24.39
N LYS A 120 1.78 19.23 -24.71
CA LYS A 120 1.67 17.91 -25.32
C LYS A 120 2.29 17.87 -26.72
N GLU A 121 2.14 18.95 -27.48
CA GLU A 121 2.66 18.99 -28.84
C GLU A 121 4.18 19.09 -28.84
N LYS A 122 4.74 19.58 -27.73
CA LYS A 122 6.19 19.65 -27.59
C LYS A 122 6.77 18.27 -27.28
N LEU A 123 6.07 17.52 -26.45
CA LEU A 123 6.51 16.17 -26.11
C LEU A 123 6.39 15.25 -27.32
N GLU A 124 5.38 15.52 -28.16
CA GLU A 124 5.15 14.72 -29.36
C GLU A 124 6.33 14.79 -30.32
N ARG A 125 6.88 15.99 -30.49
CA ARG A 125 8.02 16.19 -31.38
C ARG A 125 9.25 15.43 -30.87
N VAL A 126 9.40 15.37 -29.55
CA VAL A 126 10.50 14.64 -28.95
C VAL A 126 10.36 13.14 -29.18
N ILE A 127 9.16 12.63 -28.92
CA ILE A 127 8.88 11.20 -29.04
C ILE A 127 8.93 10.72 -30.48
N LEU A 128 8.25 11.43 -31.36
CA LEU A 128 8.19 11.03 -32.77
C LEU A 128 9.51 11.27 -33.48
N GLY A 129 10.39 12.08 -32.89
CA GLY A 129 11.69 12.35 -33.46
C GLY A 129 12.80 11.63 -32.73
N SER A 130 12.42 10.79 -31.77
CA SER A 130 13.39 10.08 -30.93
C SER A 130 14.08 8.95 -31.68
N GLU A 131 15.17 8.45 -31.09
CA GLU A 131 15.91 7.34 -31.67
C GLU A 131 15.06 6.06 -31.63
N ALA A 132 14.23 5.95 -30.60
CA ALA A 132 13.32 4.81 -30.49
C ALA A 132 12.31 4.83 -31.63
N ALA A 133 11.91 6.03 -32.05
CA ALA A 133 10.97 6.19 -33.14
C ALA A 133 11.63 5.89 -34.49
N GLN A 134 12.92 6.21 -34.60
CA GLN A 134 13.65 5.97 -35.83
C GLN A 134 13.90 4.48 -36.05
N GLN A 135 14.02 3.73 -34.95
CA GLN A 135 14.26 2.30 -35.01
C GLN A 135 12.97 1.50 -35.15
N HIS A 136 11.92 1.94 -34.48
CA HIS A 136 10.63 1.27 -34.55
C HIS A 136 9.47 2.27 -34.66
N PRO A 137 9.31 2.88 -35.84
CA PRO A 137 8.30 3.92 -36.06
C PRO A 137 6.87 3.43 -35.86
N GLU A 138 6.58 2.19 -36.23
CA GLU A 138 5.24 1.64 -36.05
C GLU A 138 4.92 1.48 -34.57
N GLU A 139 5.86 0.90 -33.82
CA GLU A 139 5.66 0.64 -32.41
C GLU A 139 5.48 1.92 -31.61
N VAL A 140 6.27 2.94 -31.94
CA VAL A 140 6.27 4.19 -31.19
C VAL A 140 5.08 5.09 -31.55
N ARG A 141 4.79 5.23 -32.84
CA ARG A 141 3.65 6.04 -33.27
C ARG A 141 2.34 5.42 -32.82
N GLY A 142 2.31 4.10 -32.74
CA GLY A 142 1.13 3.39 -32.27
C GLY A 142 0.88 3.65 -30.80
N LEU A 143 1.96 3.60 -30.01
CA LEU A 143 1.86 3.84 -28.58
C LEU A 143 1.45 5.27 -28.26
N TRP A 144 2.05 6.23 -28.96
CA TRP A 144 1.73 7.64 -28.74
C TRP A 144 0.30 7.95 -29.15
N GLN A 145 -0.16 7.30 -30.22
CA GLN A 145 -1.52 7.45 -30.70
C GLN A 145 -2.51 6.91 -29.67
N THR A 146 -2.08 5.90 -28.94
CA THR A 146 -2.94 5.19 -27.99
C THR A 146 -3.00 5.85 -26.62
N CYS A 147 -1.85 6.19 -26.06
CA CYS A 147 -1.79 6.69 -24.68
C CYS A 147 -1.55 8.19 -24.60
N GLY A 148 -1.36 8.83 -25.75
CA GLY A 148 -1.03 10.25 -25.78
C GLY A 148 -2.04 11.16 -25.12
N GLU A 149 -3.30 11.05 -25.54
CA GLU A 149 -4.34 11.91 -25.02
C GLU A 149 -4.59 11.64 -23.53
N LEU A 150 -4.62 10.36 -23.16
CA LEU A 150 -4.85 9.96 -21.78
C LEU A 150 -3.66 10.27 -20.87
N MET A 151 -2.50 10.53 -21.47
CA MET A 151 -1.31 10.90 -20.70
C MET A 151 -1.49 12.30 -20.11
N PHE A 152 -2.24 13.14 -20.80
CA PHE A 152 -2.39 14.55 -20.42
C PHE A 152 -3.79 14.91 -19.92
N SER A 153 -4.78 14.07 -20.22
CA SER A 153 -6.17 14.42 -19.95
C SER A 153 -6.49 14.50 -18.46
N LEU A 154 -7.04 15.63 -18.04
CA LEU A 154 -7.44 15.83 -16.66
C LEU A 154 -8.95 16.03 -16.55
N GLU A 155 -9.70 15.32 -17.39
CA GLU A 155 -11.15 15.30 -17.26
C GLU A 155 -11.52 14.78 -15.89
N PRO A 156 -12.51 15.43 -15.25
CA PRO A 156 -12.92 15.16 -13.86
C PRO A 156 -13.05 13.67 -13.51
N ARG A 157 -13.52 12.88 -14.47
CA ARG A 157 -13.73 11.45 -14.24
C ARG A 157 -12.41 10.66 -14.26
N LEU A 158 -11.33 11.33 -14.67
CA LEU A 158 -10.04 10.67 -14.79
C LEU A 158 -9.09 11.05 -13.65
N ARG A 159 -9.49 12.05 -12.87
CA ARG A 159 -8.61 12.63 -11.87
C ARG A 159 -8.35 11.71 -10.68
N HIS A 160 -9.34 10.89 -10.33
CA HIS A 160 -9.19 10.00 -9.17
C HIS A 160 -9.50 8.55 -9.52
N LEU A 161 -8.94 7.64 -8.74
CA LEU A 161 -9.27 6.22 -8.87
C LEU A 161 -10.60 5.91 -8.20
N GLY A 162 -11.36 4.98 -8.77
CA GLY A 162 -12.62 4.58 -8.15
C GLY A 162 -13.63 3.96 -9.09
N LEU A 163 -14.67 3.37 -8.49
CA LEU A 163 -15.78 2.80 -9.24
C LEU A 163 -16.72 3.89 -9.75
N GLY A 164 -17.71 3.49 -10.53
CA GLY A 164 -18.66 4.44 -11.07
C GLY A 164 -18.12 5.15 -12.30
N LYS A 165 -18.85 6.17 -12.76
CA LYS A 165 -18.47 6.89 -13.97
C LYS A 165 -17.53 8.04 -13.67
N GLU A 166 -17.51 8.49 -12.42
CA GLU A 166 -16.64 9.59 -12.03
C GLU A 166 -15.37 9.10 -11.37
N GLY A 167 -14.81 8.01 -11.91
CA GLY A 167 -13.59 7.43 -11.38
C GLY A 167 -13.00 6.41 -12.32
N ILE A 168 -11.69 6.17 -12.18
CA ILE A 168 -10.99 5.20 -13.01
C ILE A 168 -10.48 4.02 -12.20
N THR A 169 -10.79 2.80 -12.65
CA THR A 169 -10.23 1.62 -12.03
C THR A 169 -10.10 0.51 -13.05
N THR A 170 -9.09 -0.34 -12.88
CA THR A 170 -8.90 -1.47 -13.78
C THR A 170 -9.02 -2.79 -13.01
N TYR A 171 -9.37 -2.68 -11.73
CA TYR A 171 -9.81 -3.85 -10.98
C TYR A 171 -11.17 -4.28 -11.49
N PHE A 172 -11.86 -3.33 -12.11
CA PHE A 172 -13.18 -3.56 -12.68
C PHE A 172 -13.25 -3.01 -14.10
N SER A 173 -14.22 -3.48 -14.86
CA SER A 173 -14.52 -2.86 -16.15
C SER A 173 -15.14 -1.49 -15.88
N GLY A 174 -15.01 -0.59 -16.85
CA GLY A 174 -15.43 0.79 -16.68
C GLY A 174 -16.89 1.02 -16.31
N ASN A 175 -17.74 0.06 -16.67
CA ASN A 175 -19.18 0.20 -16.42
C ASN A 175 -19.60 -0.34 -15.06
N CYS A 176 -18.63 -0.80 -14.27
CA CYS A 176 -18.91 -1.36 -12.96
C CYS A 176 -19.14 -0.28 -11.90
N THR A 177 -20.02 -0.60 -10.94
CA THR A 177 -20.28 0.29 -9.82
C THR A 177 -20.10 -0.46 -8.51
N MET A 178 -20.32 0.23 -7.40
CA MET A 178 -20.24 -0.39 -6.09
C MET A 178 -21.30 -1.48 -5.94
N GLU A 179 -22.41 -1.31 -6.64
CA GLU A 179 -23.47 -2.30 -6.69
C GLU A 179 -22.96 -3.62 -7.27
N ASP A 180 -22.22 -3.52 -8.36
CA ASP A 180 -21.64 -4.68 -9.01
C ASP A 180 -20.60 -5.35 -8.13
N ALA A 181 -19.73 -4.53 -7.53
CA ALA A 181 -18.65 -5.03 -6.70
C ALA A 181 -19.17 -5.76 -5.47
N LYS A 182 -20.26 -5.24 -4.91
CA LYS A 182 -20.92 -5.88 -3.77
C LYS A 182 -21.50 -7.22 -4.17
N LEU A 183 -22.14 -7.25 -5.34
CA LEU A 183 -22.74 -8.47 -5.86
C LEU A 183 -21.68 -9.55 -6.13
N ALA A 184 -20.52 -9.11 -6.59
CA ALA A 184 -19.42 -10.02 -6.87
C ALA A 184 -18.85 -10.62 -5.59
N GLN A 185 -18.74 -9.78 -4.56
CA GLN A 185 -18.16 -10.22 -3.30
C GLN A 185 -19.02 -11.27 -2.61
N ASP A 186 -20.34 -11.12 -2.72
CA ASP A 186 -21.26 -12.11 -2.19
C ASP A 186 -21.10 -13.44 -2.91
N PHE A 187 -20.92 -13.37 -4.21
CA PHE A 187 -20.68 -14.56 -5.03
C PHE A 187 -19.37 -15.23 -4.63
N LEU A 188 -18.33 -14.41 -4.47
CA LEU A 188 -17.01 -14.92 -4.08
C LEU A 188 -17.04 -15.57 -2.70
N ASP A 189 -17.73 -14.93 -1.77
CA ASP A 189 -17.85 -15.46 -0.41
C ASP A 189 -18.60 -16.79 -0.41
N SER A 190 -19.65 -16.88 -1.22
CA SER A 190 -20.48 -18.07 -1.27
C SER A 190 -19.73 -19.24 -1.92
N GLN A 191 -18.75 -18.92 -2.75
CA GLN A 191 -17.96 -19.94 -3.42
C GLN A 191 -16.62 -20.16 -2.70
N ASN A 192 -16.47 -19.50 -1.56
CA ASN A 192 -15.23 -19.58 -0.77
C ASN A 192 -14.01 -19.24 -1.62
N LEU A 193 -14.17 -18.27 -2.50
CA LEU A 193 -13.10 -17.87 -3.41
C LEU A 193 -12.56 -16.49 -3.04
N SER A 194 -11.26 -16.41 -2.79
CA SER A 194 -10.62 -15.15 -2.41
C SER A 194 -10.61 -14.17 -3.57
N ALA A 195 -10.69 -12.88 -3.24
CA ALA A 195 -10.72 -11.83 -4.25
C ALA A 195 -9.33 -11.24 -4.49
N TYR A 196 -8.38 -11.64 -3.66
CA TYR A 196 -7.03 -11.07 -3.66
C TYR A 196 -6.38 -11.04 -5.04
N ASN A 197 -6.45 -12.15 -5.77
CA ASN A 197 -5.80 -12.24 -7.07
C ASN A 197 -6.80 -12.23 -8.22
N THR A 198 -7.90 -11.50 -8.04
CA THR A 198 -8.96 -11.49 -9.05
C THR A 198 -9.34 -10.08 -9.51
N ARG A 199 -9.96 -10.02 -10.68
CA ARG A 199 -10.57 -8.79 -11.18
C ARG A 199 -11.99 -9.11 -11.63
N LEU A 200 -12.80 -8.08 -11.84
CA LEU A 200 -14.19 -8.28 -12.23
C LEU A 200 -14.55 -7.52 -13.50
N PHE A 201 -15.10 -8.22 -14.47
CA PHE A 201 -15.49 -7.59 -15.73
C PHE A 201 -16.95 -7.84 -16.04
N LYS A 202 -17.66 -6.79 -16.42
CA LYS A 202 -19.08 -6.91 -16.75
C LYS A 202 -19.33 -6.58 -18.22
N GLU A 203 -19.79 -7.56 -18.97
CA GLU A 203 -20.10 -7.35 -20.36
C GLU A 203 -21.56 -7.67 -20.59
N VAL A 204 -22.26 -6.75 -21.20
CA VAL A 204 -23.64 -6.96 -21.55
C VAL A 204 -23.76 -7.70 -22.86
N ASP A 205 -24.87 -8.40 -23.03
CA ASP A 205 -25.11 -9.12 -24.27
C ASP A 205 -25.82 -8.26 -25.28
N GLY A 206 -26.29 -8.91 -26.32
CA GLY A 206 -27.11 -8.30 -27.33
C GLY A 206 -28.44 -7.79 -26.79
N CYS A 207 -28.91 -8.34 -25.69
CA CYS A 207 -30.15 -7.87 -25.11
C CYS A 207 -29.93 -6.93 -23.96
N GLY A 208 -28.69 -6.59 -23.70
CA GLY A 208 -28.38 -5.67 -22.62
C GLY A 208 -28.27 -6.33 -21.28
N LYS A 209 -28.28 -7.65 -21.29
CA LYS A 209 -28.17 -8.41 -20.06
C LYS A 209 -26.70 -8.55 -19.67
N PRO A 210 -26.37 -8.06 -18.39
CA PRO A 210 -24.95 -8.19 -18.06
C PRO A 210 -24.42 -9.58 -17.71
N TYR A 211 -23.22 -9.88 -18.17
CA TYR A 211 -22.53 -11.10 -17.78
C TYR A 211 -21.27 -10.74 -16.99
N TYR A 212 -21.03 -11.46 -15.89
CA TYR A 212 -19.89 -11.15 -15.04
C TYR A 212 -18.75 -12.14 -15.20
N GLU A 213 -17.53 -11.62 -15.36
CA GLU A 213 -16.34 -12.47 -15.39
C GLU A 213 -15.44 -12.19 -14.20
N VAL A 214 -15.18 -13.23 -13.42
CA VAL A 214 -14.22 -13.13 -12.32
C VAL A 214 -12.91 -13.79 -12.77
N ARG A 215 -11.96 -12.97 -13.19
CA ARG A 215 -10.72 -13.48 -13.74
C ARG A 215 -9.62 -13.59 -12.67
N LEU A 216 -9.14 -14.80 -12.46
CA LEU A 216 -8.04 -15.03 -11.52
C LEU A 216 -6.70 -14.78 -12.19
N ALA A 217 -5.69 -14.46 -11.40
CA ALA A 217 -4.35 -14.21 -11.95
C ALA A 217 -3.53 -15.49 -11.94
N SER A 218 -3.07 -15.92 -13.12
CA SER A 218 -2.31 -17.16 -13.23
C SER A 218 -1.53 -17.25 -14.54
N VAL A 219 -0.53 -18.12 -14.55
CA VAL A 219 0.20 -18.43 -15.78
C VAL A 219 -0.69 -19.25 -16.70
N LEU A 220 -1.33 -20.27 -16.13
CA LEU A 220 -2.17 -21.18 -16.88
C LEU A 220 -3.50 -20.54 -17.28
N GLY A 221 -4.02 -20.95 -18.43
CA GLY A 221 -5.28 -20.44 -18.93
C GLY A 221 -6.42 -21.42 -18.76
N SER A 222 -7.20 -21.61 -19.82
CA SER A 222 -8.36 -22.48 -19.78
C SER A 222 -8.00 -23.95 -20.05
N GLU A 223 -6.76 -24.18 -20.47
CA GLU A 223 -6.31 -25.53 -20.78
C GLU A 223 -6.27 -26.40 -19.53
N PRO A 224 -6.43 -27.72 -19.70
CA PRO A 224 -6.37 -28.67 -18.57
C PRO A 224 -5.02 -28.63 -17.86
N SER A 225 -5.04 -28.66 -16.53
CA SER A 225 -3.82 -28.66 -15.75
C SER A 225 -3.84 -29.76 -14.69
N LEU A 226 -2.76 -29.85 -13.92
CA LEU A 226 -2.63 -30.90 -12.91
C LEU A 226 -3.46 -30.57 -11.66
N ASP A 227 -3.70 -29.29 -11.44
CA ASP A 227 -4.49 -28.86 -10.28
C ASP A 227 -5.98 -29.03 -10.54
N SER A 228 -6.72 -29.39 -9.49
CA SER A 228 -8.16 -29.54 -9.59
C SER A 228 -8.85 -28.56 -8.66
N GLU A 229 -8.10 -28.04 -7.70
CA GLU A 229 -8.64 -27.11 -6.70
C GLU A 229 -9.13 -25.83 -7.36
N VAL A 230 -8.47 -25.42 -8.43
CA VAL A 230 -8.83 -24.20 -9.15
C VAL A 230 -9.65 -24.50 -10.39
N THR A 231 -9.22 -25.51 -11.15
CA THR A 231 -9.85 -25.83 -12.43
C THR A 231 -11.30 -26.29 -12.27
N SER A 232 -11.65 -26.78 -11.08
CA SER A 232 -13.03 -27.19 -10.81
C SER A 232 -13.91 -25.95 -10.65
N LYS A 233 -13.28 -24.82 -10.39
CA LYS A 233 -14.01 -23.56 -10.24
C LYS A 233 -14.14 -22.84 -11.57
N LEU A 234 -13.33 -23.25 -12.54
CA LEU A 234 -13.34 -22.64 -13.86
C LEU A 234 -14.59 -23.04 -14.65
N LYS A 235 -15.72 -22.44 -14.29
CA LYS A 235 -16.99 -22.77 -14.93
C LYS A 235 -17.97 -21.61 -14.87
N SER A 236 -19.15 -21.81 -15.43
CA SER A 236 -20.20 -20.80 -15.39
C SER A 236 -21.06 -20.97 -14.14
N TYR A 237 -21.61 -19.87 -13.66
CA TYR A 237 -22.43 -19.89 -12.44
C TYR A 237 -23.71 -19.11 -12.63
N GLU A 238 -24.68 -19.36 -11.74
CA GLU A 238 -25.89 -18.55 -11.68
C GLU A 238 -26.07 -18.03 -10.26
N PHE A 239 -25.76 -16.75 -10.06
CA PHE A 239 -25.84 -16.15 -8.74
C PHE A 239 -26.88 -15.03 -8.71
N ARG A 240 -28.01 -15.29 -8.06
CA ARG A 240 -29.10 -14.34 -7.92
C ARG A 240 -29.57 -13.81 -9.27
N GLY A 241 -29.71 -14.71 -10.23
CA GLY A 241 -30.18 -14.34 -11.56
C GLY A 241 -29.09 -13.82 -12.46
N SER A 242 -27.93 -13.51 -11.88
CA SER A 242 -26.81 -12.96 -12.63
C SER A 242 -25.84 -14.06 -13.03
N PRO A 243 -25.49 -14.11 -14.33
CA PRO A 243 -24.52 -15.07 -14.84
C PRO A 243 -23.09 -14.74 -14.43
N PHE A 244 -22.40 -15.70 -13.84
CA PHE A 244 -21.02 -15.52 -13.42
C PHE A 244 -20.11 -16.57 -14.04
N GLN A 245 -18.92 -16.14 -14.46
CA GLN A 245 -17.94 -17.07 -15.00
C GLN A 245 -16.56 -16.83 -14.39
N VAL A 246 -16.01 -17.87 -13.78
CA VAL A 246 -14.68 -17.79 -13.18
C VAL A 246 -13.61 -18.22 -14.17
N THR A 247 -12.79 -17.27 -14.61
CA THR A 247 -11.70 -17.54 -15.54
C THR A 247 -10.35 -17.30 -14.87
N ARG A 248 -9.28 -17.54 -15.61
CA ARG A 248 -7.95 -17.24 -15.11
C ARG A 248 -7.02 -16.87 -16.26
N GLY A 249 -5.73 -16.78 -15.99
CA GLY A 249 -4.75 -16.44 -17.00
C GLY A 249 -4.44 -14.95 -17.07
N ASP A 250 -4.83 -14.23 -16.02
CA ASP A 250 -4.55 -12.80 -15.95
C ASP A 250 -3.05 -12.58 -15.69
N TYR A 251 -2.46 -11.65 -16.44
CA TYR A 251 -1.02 -11.37 -16.39
C TYR A 251 -0.18 -12.63 -16.59
N ALA A 252 -0.66 -13.56 -17.43
CA ALA A 252 -0.03 -14.87 -17.58
C ALA A 252 1.44 -14.82 -18.01
N PRO A 253 1.78 -14.10 -19.10
CA PRO A 253 3.19 -14.10 -19.47
C PRO A 253 4.09 -13.35 -18.47
N ILE A 254 3.52 -12.40 -17.73
CA ILE A 254 4.27 -11.70 -16.69
C ILE A 254 4.53 -12.61 -15.50
N LEU A 255 3.49 -13.30 -15.06
CA LEU A 255 3.62 -14.24 -13.95
C LEU A 255 4.47 -15.44 -14.33
N GLN A 256 4.58 -15.68 -15.63
CA GLN A 256 5.47 -16.72 -16.15
C GLN A 256 6.92 -16.32 -15.88
N LYS A 257 7.22 -15.05 -16.08
CA LYS A 257 8.55 -14.51 -15.79
C LYS A 257 8.83 -14.59 -14.30
N VAL A 258 7.80 -14.39 -13.49
CA VAL A 258 7.95 -14.40 -12.03
C VAL A 258 8.32 -15.78 -11.50
N VAL A 259 7.59 -16.80 -11.93
CA VAL A 259 7.82 -18.16 -11.44
C VAL A 259 9.16 -18.71 -11.94
N GLU A 260 9.61 -18.24 -13.10
CA GLU A 260 10.92 -18.62 -13.62
C GLU A 260 12.01 -18.24 -12.63
N GLN A 261 11.85 -17.08 -12.00
CA GLN A 261 12.84 -16.57 -11.07
C GLN A 261 12.66 -17.14 -9.67
N LEU A 262 11.42 -17.49 -9.32
CA LEU A 262 11.14 -18.13 -8.05
C LEU A 262 11.72 -19.54 -8.04
N GLU A 263 11.68 -20.20 -9.19
CA GLU A 263 12.24 -21.53 -9.34
C GLU A 263 13.77 -21.51 -9.16
N LYS A 264 14.42 -20.52 -9.76
CA LYS A 264 15.87 -20.39 -9.66
C LYS A 264 16.27 -20.00 -8.25
N ALA A 265 15.46 -19.16 -7.61
CA ALA A 265 15.72 -18.73 -6.24
C ALA A 265 15.59 -19.91 -5.28
N LYS A 266 14.71 -20.85 -5.63
CA LYS A 266 14.45 -22.01 -4.79
C LYS A 266 15.67 -22.92 -4.68
N ALA A 267 16.57 -22.81 -5.66
CA ALA A 267 17.78 -23.61 -5.68
C ALA A 267 18.83 -23.06 -4.72
N TYR A 268 18.56 -21.89 -4.14
CA TYR A 268 19.50 -21.26 -3.22
C TYR A 268 18.86 -21.01 -1.86
N ALA A 269 17.73 -21.66 -1.60
CA ALA A 269 17.03 -21.50 -0.33
C ALA A 269 17.88 -22.00 0.83
N ALA A 270 17.86 -21.26 1.94
CA ALA A 270 18.68 -21.60 3.10
C ALA A 270 18.12 -22.82 3.84
N ASN A 271 16.81 -23.02 3.74
CA ASN A 271 16.17 -24.13 4.45
C ASN A 271 14.90 -24.60 3.75
N SER A 272 14.27 -25.63 4.31
CA SER A 272 13.09 -26.25 3.70
C SER A 272 11.86 -25.35 3.80
N HIS A 273 11.83 -24.48 4.80
CA HIS A 273 10.75 -23.51 4.94
C HIS A 273 10.73 -22.57 3.73
N GLN A 274 11.90 -22.03 3.39
CA GLN A 274 12.03 -21.17 2.23
C GLN A 274 11.78 -21.94 0.95
N GLY A 275 12.24 -23.18 0.91
CA GLY A 275 12.08 -24.01 -0.28
C GLY A 275 10.63 -24.35 -0.58
N GLN A 276 9.87 -24.65 0.46
CA GLN A 276 8.48 -25.05 0.29
C GLN A 276 7.54 -23.86 0.11
N MET A 277 7.88 -22.73 0.73
CA MET A 277 7.05 -21.54 0.59
C MET A 277 7.15 -21.02 -0.85
N LEU A 278 8.32 -21.17 -1.46
CA LEU A 278 8.54 -20.73 -2.83
C LEU A 278 7.83 -21.67 -3.79
N ALA A 279 7.77 -22.94 -3.44
CA ALA A 279 7.07 -23.93 -4.26
C ALA A 279 5.57 -23.63 -4.29
N GLN A 280 5.02 -23.22 -3.15
CA GLN A 280 3.60 -22.89 -3.06
C GLN A 280 3.29 -21.58 -3.76
N TYR A 281 4.21 -20.62 -3.68
CA TYR A 281 4.07 -19.37 -4.39
C TYR A 281 4.03 -19.62 -5.90
N ILE A 282 4.91 -20.51 -6.36
CA ILE A 282 4.93 -20.93 -7.75
C ILE A 282 3.60 -21.58 -8.12
N GLU A 283 3.13 -22.48 -7.26
CA GLU A 283 1.84 -23.14 -7.44
C GLU A 283 0.72 -22.11 -7.49
N SER A 284 0.81 -21.11 -6.62
CA SER A 284 -0.21 -20.07 -6.52
C SER A 284 -0.25 -19.20 -7.77
N PHE A 285 0.92 -18.82 -8.27
CA PHE A 285 1.00 -17.93 -9.42
C PHE A 285 0.78 -18.68 -10.74
N THR A 286 0.93 -20.00 -10.70
CA THR A 286 0.73 -20.82 -11.90
C THR A 286 -0.72 -21.21 -12.08
N GLN A 287 -1.35 -21.68 -11.01
CA GLN A 287 -2.72 -22.16 -11.06
C GLN A 287 -3.74 -21.05 -10.81
N GLY A 288 -3.41 -20.14 -9.89
CA GLY A 288 -4.31 -19.08 -9.52
C GLY A 288 -4.96 -19.35 -8.18
N SER A 289 -4.27 -20.14 -7.35
CA SER A 289 -4.80 -20.55 -6.06
C SER A 289 -4.29 -19.69 -4.91
N ILE A 290 -5.21 -19.03 -4.21
CA ILE A 290 -4.87 -18.28 -3.00
C ILE A 290 -4.61 -19.25 -1.86
N GLU A 291 -5.31 -20.38 -1.88
CA GLU A 291 -5.07 -21.44 -0.90
C GLU A 291 -3.62 -21.91 -0.96
N ALA A 292 -3.08 -22.00 -2.18
CA ALA A 292 -1.67 -22.34 -2.35
C ALA A 292 -0.78 -21.23 -1.79
N HIS A 293 -1.19 -19.98 -2.02
CA HIS A 293 -0.45 -18.84 -1.49
C HIS A 293 -0.55 -18.83 0.03
N LYS A 294 -1.69 -19.27 0.55
CA LYS A 294 -1.87 -19.41 1.99
C LYS A 294 -0.88 -20.42 2.57
N ARG A 295 -0.76 -21.56 1.90
CA ARG A 295 0.17 -22.60 2.34
C ARG A 295 1.60 -22.09 2.31
N GLY A 296 1.92 -21.29 1.30
CA GLY A 296 3.23 -20.67 1.21
C GLY A 296 3.45 -19.70 2.35
N SER A 297 2.43 -18.89 2.62
CA SER A 297 2.49 -17.93 3.71
C SER A 297 2.64 -18.63 5.05
N ARG A 298 1.99 -19.79 5.19
CA ARG A 298 2.07 -20.57 6.41
C ARG A 298 3.50 -21.07 6.62
N PHE A 299 4.14 -21.49 5.54
CA PHE A 299 5.52 -21.91 5.57
C PHE A 299 6.44 -20.72 5.85
N TRP A 300 6.08 -19.56 5.28
CA TRP A 300 6.89 -18.36 5.40
C TRP A 300 6.99 -17.88 6.85
N ILE A 301 5.90 -18.00 7.58
CA ILE A 301 5.88 -17.60 8.99
C ILE A 301 6.82 -18.48 9.81
N GLN A 302 6.91 -19.75 9.43
CA GLN A 302 7.76 -20.70 10.14
C GLN A 302 9.24 -20.46 9.87
N ASP A 303 9.55 -19.68 8.85
CA ASP A 303 10.92 -19.32 8.55
C ASP A 303 11.32 -18.09 9.36
N LYS A 304 11.68 -18.32 10.63
CA LYS A 304 11.95 -17.23 11.55
C LYS A 304 13.39 -16.73 11.50
N GLY A 305 13.55 -15.42 11.63
CA GLY A 305 14.84 -14.77 11.58
C GLY A 305 15.72 -15.14 10.39
N PRO A 306 15.21 -14.96 9.16
CA PRO A 306 16.07 -15.25 8.01
C PRO A 306 17.01 -14.09 7.72
N ILE A 307 18.13 -14.37 7.05
CA ILE A 307 19.08 -13.31 6.73
C ILE A 307 18.55 -12.50 5.54
N VAL A 308 17.97 -13.20 4.57
CA VAL A 308 17.27 -12.53 3.47
C VAL A 308 15.77 -12.77 3.58
N GLU A 309 15.04 -11.76 4.01
CA GLU A 309 13.59 -11.85 4.16
C GLU A 309 12.88 -11.41 2.89
N SER A 310 11.77 -12.07 2.57
CA SER A 310 11.02 -11.73 1.36
C SER A 310 9.55 -12.14 1.46
N TYR A 311 8.71 -11.44 0.70
CA TYR A 311 7.30 -11.79 0.58
C TYR A 311 6.78 -11.24 -0.74
N ILE A 312 5.96 -12.03 -1.42
CA ILE A 312 5.51 -11.66 -2.76
C ILE A 312 4.08 -12.14 -3.04
N GLY A 313 3.34 -11.36 -3.83
CA GLY A 313 1.99 -11.74 -4.22
C GLY A 313 1.03 -10.57 -4.27
N PHE A 314 -0.25 -10.88 -4.46
CA PHE A 314 -1.30 -9.87 -4.43
C PHE A 314 -1.72 -9.65 -2.98
N ILE A 315 -0.95 -8.82 -2.28
CA ILE A 315 -0.99 -8.78 -0.82
C ILE A 315 -1.98 -7.77 -0.25
N GLU A 316 -1.79 -6.49 -0.56
CA GLU A 316 -2.59 -5.44 0.06
C GLU A 316 -3.75 -5.00 -0.84
N SER A 317 -4.87 -4.64 -0.20
CA SER A 317 -6.07 -4.27 -0.92
C SER A 317 -6.49 -2.82 -0.64
N TYR A 318 -5.57 -1.89 -0.85
CA TYR A 318 -5.85 -0.47 -0.63
C TYR A 318 -6.45 0.20 -1.85
N ARG A 319 -5.89 -0.08 -3.02
CA ARG A 319 -6.22 0.66 -4.22
C ARG A 319 -7.43 0.08 -4.94
N ASP A 320 -7.93 -1.05 -4.46
CA ASP A 320 -9.22 -1.55 -4.90
C ASP A 320 -10.31 -0.70 -4.27
N PRO A 321 -11.09 0.02 -5.11
CA PRO A 321 -12.15 0.90 -4.61
C PRO A 321 -13.21 0.17 -3.80
N PHE A 322 -13.28 -1.15 -3.92
CA PHE A 322 -14.16 -1.95 -3.08
C PHE A 322 -13.41 -2.43 -1.84
N GLY A 323 -12.10 -2.65 -1.99
CA GLY A 323 -11.24 -2.97 -0.87
C GLY A 323 -11.04 -4.44 -0.55
N SER A 324 -11.11 -5.29 -1.56
CA SER A 324 -10.92 -6.73 -1.34
C SER A 324 -9.86 -7.31 -2.27
N ARG A 325 -9.67 -6.70 -3.43
CA ARG A 325 -8.72 -7.18 -4.41
C ARG A 325 -7.30 -6.67 -4.13
N GLY A 326 -6.32 -7.56 -4.28
CA GLY A 326 -4.96 -7.23 -3.94
C GLY A 326 -4.12 -6.70 -5.09
N GLU A 327 -3.27 -5.73 -4.78
CA GLU A 327 -2.31 -5.21 -5.74
C GLU A 327 -1.02 -6.00 -5.61
N PHE A 328 -0.41 -6.36 -6.73
CA PHE A 328 0.81 -7.15 -6.68
C PHE A 328 1.96 -6.38 -6.06
N GLU A 329 2.74 -7.06 -5.24
CA GLU A 329 3.96 -6.50 -4.68
C GLU A 329 4.93 -7.62 -4.36
N GLY A 330 6.19 -7.26 -4.16
CA GLY A 330 7.21 -8.22 -3.79
C GLY A 330 8.42 -7.49 -3.27
N PHE A 331 8.91 -7.88 -2.10
CA PHE A 331 10.10 -7.26 -1.56
C PHE A 331 11.17 -8.26 -1.19
N VAL A 332 12.42 -7.80 -1.26
CA VAL A 332 13.57 -8.57 -0.81
C VAL A 332 14.40 -7.68 0.09
N ALA A 333 14.66 -8.12 1.31
CA ALA A 333 15.37 -7.29 2.27
C ALA A 333 16.37 -8.07 3.10
N VAL A 334 17.34 -7.36 3.67
CA VAL A 334 18.34 -7.97 4.53
C VAL A 334 18.08 -7.60 5.98
N VAL A 335 18.09 -8.60 6.87
CA VAL A 335 17.85 -8.34 8.28
C VAL A 335 18.95 -7.49 8.88
N ASN A 336 18.57 -6.43 9.58
CA ASN A 336 19.52 -5.61 10.32
C ASN A 336 19.52 -6.02 11.78
N LYS A 337 20.43 -6.93 12.12
CA LYS A 337 20.52 -7.48 13.48
C LYS A 337 20.57 -6.42 14.57
N ALA A 338 21.27 -5.32 14.30
CA ALA A 338 21.43 -4.26 15.27
C ALA A 338 20.11 -3.57 15.59
N MET A 339 19.40 -3.13 14.55
CA MET A 339 18.14 -2.41 14.73
C MET A 339 17.00 -3.34 15.13
N SER A 340 17.14 -4.62 14.81
CA SER A 340 16.09 -5.60 15.10
C SER A 340 16.08 -5.98 16.58
N ALA A 341 17.02 -5.43 17.35
CA ALA A 341 17.13 -5.77 18.76
C ALA A 341 16.00 -5.14 19.58
N LYS A 342 15.73 -3.86 19.33
CA LYS A 342 14.73 -3.12 20.09
C LYS A 342 13.32 -3.65 19.86
N PHE A 343 13.09 -4.27 18.70
CA PHE A 343 11.77 -4.79 18.37
C PHE A 343 11.53 -6.16 18.99
N GLU A 344 12.60 -6.95 19.13
CA GLU A 344 12.50 -8.26 19.75
C GLU A 344 12.34 -8.11 21.26
N ARG A 345 12.81 -6.99 21.80
CA ARG A 345 12.59 -6.66 23.21
C ARG A 345 11.14 -6.31 23.44
N LEU A 346 10.49 -5.78 22.42
CA LEU A 346 9.07 -5.44 22.49
C LEU A 346 8.22 -6.70 22.42
N VAL A 347 8.64 -7.65 21.59
CA VAL A 347 7.95 -8.93 21.47
C VAL A 347 8.06 -9.71 22.78
N ALA A 348 9.19 -9.56 23.46
CA ALA A 348 9.45 -10.25 24.72
C ALA A 348 8.49 -9.77 25.81
N SER A 349 7.96 -8.56 25.66
CA SER A 349 7.01 -8.03 26.63
C SER A 349 5.66 -7.73 25.96
N ALA A 350 5.45 -8.32 24.79
CA ALA A 350 4.25 -8.06 24.01
C ALA A 350 3.00 -8.68 24.66
N GLU A 351 3.13 -9.93 25.09
CA GLU A 351 2.01 -10.65 25.69
C GLU A 351 1.46 -9.93 26.91
N GLN A 352 2.35 -9.29 27.66
CA GLN A 352 1.97 -8.51 28.84
C GLN A 352 1.25 -7.23 28.42
N LEU A 353 1.78 -6.56 27.41
CA LEU A 353 1.25 -5.27 26.98
C LEU A 353 -0.13 -5.39 26.35
N LEU A 354 -0.46 -6.56 25.83
CA LEU A 354 -1.76 -6.80 25.22
C LEU A 354 -2.88 -6.67 26.25
N LYS A 355 -2.57 -7.00 27.50
CA LYS A 355 -3.55 -6.93 28.58
C LYS A 355 -3.90 -5.49 28.94
N GLU A 356 -3.01 -4.57 28.56
CA GLU A 356 -3.20 -3.16 28.85
C GLU A 356 -4.21 -2.53 27.89
N LEU A 357 -4.54 -3.26 26.82
CA LEU A 357 -5.47 -2.77 25.81
C LEU A 357 -6.90 -2.71 26.36
N PRO A 358 -7.68 -1.71 25.94
CA PRO A 358 -8.99 -1.41 26.51
C PRO A 358 -10.11 -2.39 26.13
N TRP A 359 -9.84 -3.69 26.19
CA TRP A 359 -10.89 -4.68 25.99
C TRP A 359 -10.53 -5.99 26.68
N PRO A 360 -11.55 -6.70 27.20
CA PRO A 360 -11.37 -7.97 27.90
C PRO A 360 -10.78 -9.06 27.00
N PRO A 361 -10.10 -10.05 27.58
CA PRO A 361 -9.44 -11.13 26.83
C PRO A 361 -10.40 -11.98 26.01
N THR A 362 -11.70 -11.80 26.20
CA THR A 362 -12.70 -12.48 25.39
C THR A 362 -12.70 -11.92 23.98
N PHE A 363 -12.20 -10.69 23.85
CA PHE A 363 -12.06 -10.04 22.55
C PHE A 363 -10.61 -10.02 22.10
N GLU A 364 -9.76 -10.73 22.84
CA GLU A 364 -8.36 -10.87 22.49
C GLU A 364 -8.10 -12.29 21.99
N LYS A 365 -7.06 -12.47 21.19
CA LYS A 365 -6.71 -13.79 20.67
C LYS A 365 -6.50 -14.79 21.79
N ASP A 366 -6.89 -16.04 21.53
CA ASP A 366 -6.81 -17.10 22.53
C ASP A 366 -5.39 -17.30 23.03
N LYS A 367 -4.51 -17.75 22.14
CA LYS A 367 -3.12 -17.98 22.48
C LYS A 367 -2.22 -16.90 21.89
N PHE A 368 -1.34 -16.31 22.68
CA PHE A 368 -0.40 -15.36 22.13
C PHE A 368 0.70 -16.12 21.43
N LEU A 369 0.88 -15.85 20.16
CA LEU A 369 1.87 -16.54 19.40
C LEU A 369 2.97 -15.55 19.29
N THR A 370 4.18 -15.95 19.62
CA THR A 370 5.25 -14.99 19.68
C THR A 370 5.61 -14.78 18.24
N PRO A 371 5.35 -13.57 17.77
CA PRO A 371 5.58 -13.21 16.37
C PRO A 371 7.02 -12.80 16.09
N ASP A 372 7.38 -12.73 14.81
CA ASP A 372 8.70 -12.30 14.42
C ASP A 372 8.66 -10.81 14.07
N PHE A 373 9.40 -10.00 14.80
CA PHE A 373 9.53 -8.61 14.42
C PHE A 373 10.98 -8.29 14.11
N THR A 374 11.28 -7.89 12.89
CA THR A 374 12.64 -7.60 12.52
C THR A 374 12.77 -6.26 11.88
N SER A 375 13.96 -5.71 11.92
CA SER A 375 14.23 -4.52 11.14
C SER A 375 14.93 -4.94 9.85
N LEU A 376 14.44 -4.46 8.72
CA LEU A 376 14.97 -4.90 7.43
C LEU A 376 15.56 -3.75 6.62
N ASP A 377 16.62 -4.04 5.87
CA ASP A 377 17.16 -3.10 4.89
C ASP A 377 16.76 -3.54 3.50
N VAL A 378 15.90 -2.76 2.86
CA VAL A 378 15.34 -3.12 1.57
C VAL A 378 16.36 -3.09 0.44
N LEU A 379 16.44 -4.19 -0.31
CA LEU A 379 17.19 -4.22 -1.56
C LEU A 379 16.23 -4.00 -2.72
N THR A 380 15.02 -4.50 -2.55
CA THR A 380 14.00 -4.43 -3.59
C THR A 380 12.60 -4.32 -2.99
N PHE A 381 11.83 -3.35 -3.44
CA PHE A 381 10.41 -3.30 -3.11
C PHE A 381 9.61 -2.90 -4.34
N ALA A 382 9.13 -3.89 -5.07
CA ALA A 382 8.42 -3.65 -6.32
C ALA A 382 6.94 -3.40 -6.08
N GLY A 383 6.31 -2.67 -6.99
CA GLY A 383 4.91 -2.34 -6.86
C GLY A 383 4.65 -0.85 -6.97
N SER A 384 3.56 -0.40 -6.36
CA SER A 384 3.15 0.99 -6.45
C SER A 384 3.98 1.90 -5.54
N GLY A 385 4.38 1.41 -4.38
CA GLY A 385 5.12 2.21 -3.43
C GLY A 385 5.79 1.43 -2.32
N ILE A 386 6.51 2.14 -1.45
CA ILE A 386 7.22 1.51 -0.34
C ILE A 386 6.67 2.00 1.00
N PRO A 387 6.30 1.05 1.87
CA PRO A 387 5.82 1.36 3.22
C PRO A 387 6.96 1.56 4.21
N ALA A 388 6.62 1.92 5.44
CA ALA A 388 7.63 2.06 6.50
C ALA A 388 7.75 0.76 7.28
N GLY A 389 6.60 0.16 7.59
CA GLY A 389 6.57 -1.11 8.31
C GLY A 389 5.37 -1.92 7.87
N ILE A 390 5.47 -3.25 7.98
CA ILE A 390 4.39 -4.12 7.51
C ILE A 390 3.96 -5.16 8.55
N ASN A 391 2.67 -5.47 8.55
CA ASN A 391 2.16 -6.63 9.27
C ASN A 391 1.59 -7.62 8.27
N ILE A 392 2.24 -8.78 8.14
CA ILE A 392 1.86 -9.76 7.13
C ILE A 392 2.09 -11.18 7.66
N PRO A 393 1.37 -12.17 7.11
CA PRO A 393 0.38 -12.13 6.03
C PRO A 393 -0.96 -11.53 6.44
N ASN A 394 -1.79 -11.19 5.47
CA ASN A 394 -3.10 -10.59 5.73
C ASN A 394 -4.19 -11.63 5.91
N TYR A 395 -3.81 -12.89 5.94
CA TYR A 395 -4.77 -13.97 6.17
C TYR A 395 -5.08 -14.08 7.65
N ASP A 396 -6.26 -13.62 8.05
CA ASP A 396 -6.65 -13.55 9.46
C ASP A 396 -6.72 -14.93 10.11
N ASP A 397 -7.07 -15.94 9.33
CA ASP A 397 -7.14 -17.30 9.85
C ASP A 397 -5.75 -17.79 10.24
N LEU A 398 -4.73 -17.23 9.61
CA LEU A 398 -3.34 -17.55 9.94
C LEU A 398 -2.83 -16.67 11.08
N ARG A 399 -3.34 -15.44 11.12
CA ARG A 399 -2.89 -14.46 12.11
C ARG A 399 -3.18 -14.87 13.55
N GLN A 400 -4.29 -15.58 13.76
CA GLN A 400 -4.69 -15.95 15.11
C GLN A 400 -4.72 -17.46 15.33
N THR A 401 -4.07 -18.21 14.45
CA THR A 401 -3.93 -19.65 14.64
C THR A 401 -2.50 -20.12 14.39
N GLU A 402 -1.90 -19.57 13.34
CA GLU A 402 -0.54 -19.95 12.96
C GLU A 402 0.48 -18.96 13.51
N GLY A 403 0.31 -17.69 13.13
CA GLY A 403 1.23 -16.64 13.53
C GLY A 403 1.30 -15.56 12.47
N PHE A 404 2.25 -14.64 12.62
CA PHE A 404 2.43 -13.55 11.67
C PHE A 404 3.77 -12.87 11.88
N LYS A 405 4.28 -12.24 10.83
CA LYS A 405 5.56 -11.56 10.89
C LYS A 405 5.41 -10.05 10.91
N ASN A 406 6.25 -9.39 11.71
CA ASN A 406 6.31 -7.94 11.74
C ASN A 406 7.62 -7.46 11.15
N VAL A 407 7.54 -6.42 10.31
CA VAL A 407 8.71 -5.95 9.59
C VAL A 407 8.79 -4.44 9.61
N SER A 408 9.95 -3.92 10.03
CA SER A 408 10.20 -2.48 9.97
C SER A 408 11.34 -2.21 8.99
N LEU A 409 11.07 -1.38 7.98
CA LEU A 409 12.05 -1.09 6.95
C LEU A 409 12.95 0.08 7.36
N GLY A 410 14.04 -0.24 8.04
CA GLY A 410 14.92 0.76 8.62
C GLY A 410 15.56 1.73 7.65
N ASN A 411 15.95 1.24 6.47
CA ASN A 411 16.59 2.10 5.49
C ASN A 411 15.57 2.93 4.71
N VAL A 412 14.30 2.60 4.90
CA VAL A 412 13.22 3.40 4.33
C VAL A 412 12.82 4.49 5.32
N LEU A 413 12.85 4.15 6.60
CA LEU A 413 12.58 5.11 7.67
C LEU A 413 13.56 6.27 7.63
N ALA A 414 14.82 5.97 7.29
CA ALA A 414 15.88 6.97 7.25
C ALA A 414 15.58 8.04 6.19
N VAL A 415 15.01 7.61 5.07
CA VAL A 415 14.65 8.51 3.99
C VAL A 415 13.50 9.42 4.43
N ALA A 416 12.57 8.84 5.18
CA ALA A 416 11.40 9.58 5.65
C ALA A 416 11.75 10.57 6.76
N TYR A 417 12.99 10.48 7.25
CA TYR A 417 13.46 11.39 8.30
C TYR A 417 14.02 12.68 7.72
N ALA A 418 13.56 13.03 6.52
CA ALA A 418 13.98 14.27 5.88
C ALA A 418 13.37 15.47 6.60
N THR A 419 13.99 15.86 7.71
CA THR A 419 13.46 16.94 8.54
C THR A 419 14.04 18.29 8.15
N GLN A 420 13.18 19.16 7.61
CA GLN A 420 13.58 20.53 7.29
C GLN A 420 12.63 21.50 7.99
N ARG A 421 13.19 22.56 8.56
CA ARG A 421 12.41 23.53 9.33
C ARG A 421 11.34 24.21 8.50
N GLU A 422 11.67 24.52 7.25
CA GLU A 422 10.75 25.20 6.35
C GLU A 422 9.57 24.30 5.98
N LYS A 423 9.84 23.01 5.88
CA LYS A 423 8.83 22.05 5.43
C LYS A 423 7.83 21.69 6.54
N LEU A 424 8.19 21.98 7.79
CA LEU A 424 7.29 21.71 8.91
C LEU A 424 6.19 22.75 8.98
N THR A 425 5.06 22.45 8.36
CA THR A 425 3.94 23.38 8.30
C THR A 425 2.95 23.18 9.44
N PHE A 426 2.16 24.22 9.71
CA PHE A 426 1.10 24.19 10.71
C PHE A 426 1.61 23.87 12.11
N LEU A 427 2.81 24.35 12.44
CA LEU A 427 3.37 24.19 13.77
C LEU A 427 3.98 25.49 14.27
N GLU A 428 3.82 25.75 15.56
CA GLU A 428 4.43 26.92 16.18
C GLU A 428 5.93 26.71 16.29
N GLU A 429 6.68 27.81 16.45
CA GLU A 429 8.13 27.75 16.53
C GLU A 429 8.62 26.88 17.67
N ASP A 430 7.84 26.84 18.75
CA ASP A 430 8.19 26.06 19.92
C ASP A 430 8.12 24.56 19.64
N ASP A 431 7.20 24.18 18.75
CA ASP A 431 6.97 22.77 18.44
C ASP A 431 7.91 22.25 17.36
N LYS A 432 8.35 23.14 16.47
CA LYS A 432 9.22 22.74 15.36
C LYS A 432 10.52 22.12 15.85
N ASP A 433 11.12 22.74 16.87
CA ASP A 433 12.38 22.24 17.42
C ASP A 433 12.19 20.88 18.10
N LEU A 434 11.11 20.75 18.85
CA LEU A 434 10.78 19.49 19.50
C LEU A 434 10.46 18.42 18.47
N TYR A 435 9.89 18.85 17.35
CA TYR A 435 9.49 17.94 16.28
C TYR A 435 10.72 17.28 15.64
N ILE A 436 11.65 18.10 15.18
CA ILE A 436 12.86 17.61 14.54
C ILE A 436 13.68 16.73 15.47
N LEU A 437 13.70 17.09 16.75
CA LEU A 437 14.48 16.36 17.74
C LEU A 437 13.99 14.93 17.94
N TRP A 438 12.68 14.73 17.88
CA TRP A 438 12.10 13.44 18.23
C TRP A 438 11.17 12.85 17.17
N LYS A 439 11.22 13.38 15.95
CA LYS A 439 10.39 12.84 14.87
C LYS A 439 10.76 11.39 14.59
N GLY A 440 12.06 11.16 14.45
CA GLY A 440 12.59 9.82 14.22
C GLY A 440 12.22 8.80 15.28
N PRO A 441 12.71 9.02 16.53
CA PRO A 441 12.46 8.10 17.65
C PRO A 441 10.98 7.81 17.89
N SER A 442 10.13 8.82 17.76
CA SER A 442 8.70 8.63 17.97
C SER A 442 8.10 7.70 16.93
N PHE A 443 8.62 7.75 15.71
CA PHE A 443 8.15 6.88 14.64
C PHE A 443 8.45 5.42 14.96
N ASP A 444 9.69 5.14 15.32
CA ASP A 444 10.11 3.79 15.69
C ASP A 444 9.22 3.23 16.79
N VAL A 445 8.87 4.07 17.76
CA VAL A 445 7.96 3.69 18.82
C VAL A 445 6.56 3.45 18.27
N GLN A 446 6.07 4.40 17.48
CA GLN A 446 4.74 4.31 16.89
C GLN A 446 4.62 3.11 15.95
N VAL A 447 5.61 2.94 15.07
CA VAL A 447 5.63 1.82 14.14
C VAL A 447 5.64 0.50 14.89
N GLY A 448 6.43 0.44 15.97
CA GLY A 448 6.54 -0.76 16.77
C GLY A 448 5.22 -1.19 17.38
N LEU A 449 4.46 -0.21 17.87
CA LEU A 449 3.15 -0.49 18.47
C LEU A 449 2.09 -0.68 17.40
N HIS A 450 2.23 0.06 16.30
CA HIS A 450 1.28 -0.01 15.18
C HIS A 450 1.21 -1.42 14.60
N ALA A 451 2.35 -2.08 14.50
CA ALA A 451 2.42 -3.38 13.85
C ALA A 451 2.22 -4.53 14.83
N LEU A 452 3.02 -4.54 15.91
CA LEU A 452 3.01 -5.66 16.85
C LEU A 452 1.74 -5.71 17.69
N LEU A 453 1.49 -4.64 18.44
CA LEU A 453 0.35 -4.61 19.35
C LEU A 453 -0.89 -4.03 18.69
N GLY A 454 -0.69 -3.35 17.56
CA GLY A 454 -1.81 -2.80 16.81
C GLY A 454 -2.47 -3.84 15.92
N HIS A 455 -1.85 -4.11 14.78
CA HIS A 455 -2.39 -5.08 13.82
C HIS A 455 -2.40 -6.50 14.38
N GLY A 456 -1.54 -6.75 15.37
CA GLY A 456 -1.38 -8.08 15.92
C GLY A 456 -2.33 -8.41 17.07
N SER A 457 -3.20 -7.47 17.41
CA SER A 457 -4.17 -7.69 18.47
C SER A 457 -5.59 -7.74 17.92
N GLY A 458 -6.46 -8.48 18.60
CA GLY A 458 -7.85 -8.55 18.20
C GLY A 458 -8.31 -9.95 17.82
N LYS A 459 -9.37 -10.39 18.50
CA LYS A 459 -9.98 -11.69 18.21
C LYS A 459 -11.13 -11.51 17.22
N LEU A 460 -11.23 -12.42 16.26
CA LEU A 460 -12.35 -12.41 15.33
C LEU A 460 -13.30 -13.56 15.63
N PHE A 461 -14.58 -13.23 15.78
CA PHE A 461 -15.59 -14.24 16.09
C PHE A 461 -16.09 -14.93 14.82
N VAL A 462 -15.91 -16.24 14.78
CA VAL A 462 -16.28 -17.00 13.62
C VAL A 462 -17.22 -18.15 13.88
N GLN A 463 -17.95 -18.54 12.84
CA GLN A 463 -18.81 -19.71 12.84
C GLN A 463 -18.54 -20.61 11.64
N ASP A 464 -18.42 -21.91 11.85
CA ASP A 464 -18.20 -22.87 10.76
C ASP A 464 -19.46 -23.40 10.05
N GLU A 465 -19.24 -24.36 9.17
CA GLU A 465 -20.31 -24.86 8.32
C GLU A 465 -21.43 -25.36 9.20
N LYS A 466 -21.07 -25.83 10.39
CA LYS A 466 -22.06 -26.06 11.41
C LYS A 466 -21.78 -25.04 12.48
N GLY A 467 -22.80 -24.33 12.90
CA GLY A 467 -22.59 -23.16 13.69
C GLY A 467 -22.14 -23.48 15.07
N ALA A 468 -20.84 -23.69 15.17
CA ALA A 468 -20.09 -23.70 16.39
C ALA A 468 -19.02 -22.63 16.30
N PHE A 469 -18.81 -21.97 17.41
CA PHE A 469 -17.96 -20.82 17.52
C PHE A 469 -16.55 -21.05 18.00
N ASN A 470 -15.64 -20.19 17.61
CA ASN A 470 -14.26 -20.23 18.10
C ASN A 470 -14.17 -19.55 19.47
N PHE A 471 -15.31 -19.10 19.97
CA PHE A 471 -15.42 -18.55 21.31
C PHE A 471 -16.57 -19.21 22.05
N ASP A 472 -16.97 -18.66 23.18
CA ASP A 472 -18.08 -19.21 23.94
C ASP A 472 -19.23 -18.21 24.06
N GLN A 473 -20.26 -18.41 23.25
CA GLN A 473 -21.41 -17.51 23.20
C GLN A 473 -22.11 -17.39 24.55
N GLU A 474 -22.12 -18.48 25.30
CA GLU A 474 -22.84 -18.53 26.57
C GLU A 474 -22.13 -17.75 27.68
N THR A 475 -20.89 -17.35 27.44
CA THR A 475 -20.11 -16.66 28.46
C THR A 475 -19.64 -15.28 28.04
N VAL A 476 -19.19 -15.15 26.79
CA VAL A 476 -18.65 -13.89 26.29
C VAL A 476 -19.73 -12.80 26.25
N ILE A 477 -19.40 -11.64 26.80
CA ILE A 477 -20.35 -10.54 26.89
C ILE A 477 -19.84 -9.28 26.20
N ASN A 478 -20.71 -8.65 25.41
CA ASN A 478 -20.40 -7.38 24.76
C ASN A 478 -20.32 -6.24 25.78
N PRO A 479 -19.12 -5.68 25.98
CA PRO A 479 -18.88 -4.66 27.01
C PRO A 479 -19.54 -3.32 26.73
N GLU A 480 -20.11 -3.15 25.55
CA GLU A 480 -20.76 -1.90 25.18
C GLU A 480 -22.26 -1.97 25.37
N THR A 481 -22.81 -3.18 25.33
CA THR A 481 -24.25 -3.38 25.45
C THR A 481 -24.61 -4.18 26.70
N GLY A 482 -23.69 -5.05 27.13
CA GLY A 482 -23.92 -5.88 28.30
C GLY A 482 -24.59 -7.20 27.94
N GLU A 483 -25.00 -7.32 26.69
CA GLU A 483 -25.68 -8.52 26.21
C GLU A 483 -24.68 -9.45 25.53
N GLN A 484 -25.05 -10.72 25.39
CA GLN A 484 -24.21 -11.70 24.72
C GLN A 484 -23.95 -11.32 23.26
N ILE A 485 -22.97 -11.96 22.65
CA ILE A 485 -22.58 -11.66 21.27
C ILE A 485 -23.69 -11.97 20.29
N GLN A 486 -24.07 -10.98 19.48
CA GLN A 486 -25.16 -11.12 18.53
C GLN A 486 -24.65 -11.29 17.09
N SER A 487 -23.54 -10.64 16.78
CA SER A 487 -22.99 -10.66 15.43
C SER A 487 -21.62 -11.33 15.39
N TRP A 488 -21.29 -11.93 14.26
CA TRP A 488 -20.00 -12.59 14.07
C TRP A 488 -19.68 -12.80 12.60
N TYR A 489 -18.54 -13.40 12.31
CA TYR A 489 -18.15 -13.70 10.95
C TYR A 489 -18.58 -15.12 10.58
N ARG A 490 -19.25 -15.27 9.44
CA ARG A 490 -19.69 -16.57 8.97
C ARG A 490 -18.64 -17.17 8.05
N CYS A 491 -18.88 -18.40 7.61
CA CYS A 491 -17.93 -19.10 6.76
C CYS A 491 -17.78 -18.41 5.40
N GLY A 492 -16.54 -18.13 5.02
CA GLY A 492 -16.26 -17.48 3.76
C GLY A 492 -16.06 -15.98 3.91
N GLU A 493 -16.53 -15.44 5.03
CA GLU A 493 -16.41 -14.00 5.29
C GLU A 493 -15.04 -13.64 5.84
N THR A 494 -14.48 -12.56 5.31
CA THR A 494 -13.21 -12.03 5.80
C THR A 494 -13.38 -10.61 6.29
N TRP A 495 -12.31 -10.03 6.83
CA TRP A 495 -12.34 -8.65 7.29
C TRP A 495 -12.64 -7.69 6.15
N ASP A 496 -11.99 -7.92 5.01
CA ASP A 496 -12.16 -7.05 3.85
C ASP A 496 -13.52 -7.24 3.19
N SER A 497 -14.09 -8.43 3.31
CA SER A 497 -15.35 -8.73 2.64
C SER A 497 -16.54 -8.04 3.30
N LYS A 498 -16.48 -7.87 4.61
CA LYS A 498 -17.59 -7.28 5.34
C LYS A 498 -17.52 -5.75 5.41
N PHE A 499 -16.34 -5.23 5.75
CA PHE A 499 -16.21 -3.79 5.93
C PHE A 499 -15.81 -3.09 4.64
N SER A 500 -15.39 -3.89 3.66
CA SER A 500 -15.15 -3.43 2.29
C SER A 500 -14.38 -2.11 2.16
N THR A 501 -15.11 -1.03 1.88
CA THR A 501 -14.52 0.24 1.51
C THR A 501 -13.83 0.96 2.67
N ILE A 502 -14.22 0.64 3.90
CA ILE A 502 -13.61 1.28 5.06
C ILE A 502 -12.68 0.31 5.81
N ALA A 503 -12.63 -0.93 5.33
CA ALA A 503 -11.86 -1.98 5.99
C ALA A 503 -10.41 -1.58 6.25
N SER A 504 -9.75 -1.07 5.22
CA SER A 504 -8.34 -0.69 5.33
C SER A 504 -8.12 0.48 6.26
N SER A 505 -8.93 1.52 6.13
CA SER A 505 -8.79 2.72 6.95
C SER A 505 -9.15 2.43 8.40
N TYR A 506 -10.21 1.64 8.59
CA TYR A 506 -10.67 1.25 9.93
C TYR A 506 -9.56 0.54 10.70
N GLU A 507 -8.99 -0.50 10.09
CA GLU A 507 -7.96 -1.29 10.74
C GLU A 507 -6.70 -0.47 10.99
N GLU A 508 -6.38 0.41 10.05
CA GLU A 508 -5.22 1.27 10.20
C GLU A 508 -5.45 2.27 11.34
N CYS A 509 -6.70 2.72 11.49
CA CYS A 509 -7.05 3.64 12.56
C CYS A 509 -6.95 2.94 13.92
N ARG A 510 -7.38 1.69 13.96
CA ARG A 510 -7.31 0.90 15.19
C ARG A 510 -5.87 0.72 15.62
N ALA A 511 -5.00 0.41 14.67
CA ALA A 511 -3.58 0.20 14.94
C ALA A 511 -2.91 1.50 15.39
N GLU A 512 -3.26 2.60 14.72
CA GLU A 512 -2.69 3.90 15.06
C GLU A 512 -3.12 4.36 16.45
N SER A 513 -4.36 4.05 16.81
CA SER A 513 -4.87 4.39 18.13
C SER A 513 -4.14 3.60 19.21
N VAL A 514 -3.90 2.32 18.97
CA VAL A 514 -3.13 1.48 19.87
C VAL A 514 -1.73 2.04 20.04
N GLY A 515 -1.19 2.59 18.94
CA GLY A 515 0.12 3.22 18.96
C GLY A 515 0.19 4.37 19.95
N LEU A 516 -0.70 5.35 19.80
CA LEU A 516 -0.76 6.49 20.70
C LEU A 516 -1.05 6.06 22.13
N TYR A 517 -1.98 5.13 22.28
CA TYR A 517 -2.44 4.68 23.59
C TYR A 517 -1.31 4.04 24.39
N LEU A 518 -0.65 3.05 23.80
CA LEU A 518 0.39 2.31 24.51
C LEU A 518 1.73 3.03 24.50
N SER A 519 1.79 4.20 23.87
CA SER A 519 3.01 5.00 23.88
C SER A 519 3.12 5.77 25.19
N LEU A 520 2.04 5.76 25.98
CA LEU A 520 2.03 6.40 27.28
C LEU A 520 2.67 5.50 28.34
N HIS A 521 2.86 4.23 27.96
CA HIS A 521 3.39 3.23 28.88
C HIS A 521 4.91 3.37 29.02
N PRO A 522 5.37 3.68 30.24
CA PRO A 522 6.79 3.90 30.55
C PRO A 522 7.66 2.69 30.22
N GLN A 523 7.10 1.49 30.34
CA GLN A 523 7.84 0.26 30.04
C GLN A 523 8.22 0.20 28.56
N VAL A 524 7.29 0.62 27.70
CA VAL A 524 7.53 0.65 26.26
C VAL A 524 8.60 1.67 25.92
N LEU A 525 8.58 2.79 26.65
CA LEU A 525 9.57 3.85 26.45
C LEU A 525 10.97 3.39 26.83
N GLU A 526 11.05 2.42 27.72
CA GLU A 526 12.29 1.77 28.01
C GLU A 526 12.81 0.88 26.88
N ILE A 527 11.91 0.17 26.23
CA ILE A 527 12.32 -0.80 25.24
C ILE A 527 13.06 -0.04 24.17
N PHE A 528 12.56 1.12 23.83
CA PHE A 528 13.24 1.97 22.89
C PHE A 528 14.23 2.88 23.63
N GLY A 529 14.22 2.77 24.95
CA GLY A 529 15.04 3.53 25.88
C GLY A 529 15.09 5.04 26.07
N PHE A 530 13.97 5.70 26.33
CA PHE A 530 14.07 7.13 26.59
C PHE A 530 13.90 7.59 28.03
N GLU A 531 13.21 6.81 28.84
CA GLU A 531 13.35 6.91 30.29
C GLU A 531 12.77 8.08 31.06
N GLY A 532 13.11 9.31 30.71
CA GLY A 532 12.79 10.43 31.58
C GLY A 532 12.07 11.57 30.95
N ALA A 533 12.71 12.72 30.91
CA ALA A 533 12.17 13.85 30.18
C ALA A 533 12.11 13.50 28.71
N ASP A 534 13.09 12.74 28.24
CA ASP A 534 13.11 12.31 26.84
C ASP A 534 11.91 11.43 26.53
N ALA A 535 11.54 10.59 27.49
CA ALA A 535 10.39 9.71 27.35
C ALA A 535 9.10 10.51 27.32
N GLU A 536 9.07 11.62 28.05
CA GLU A 536 7.92 12.51 28.02
C GLU A 536 7.90 13.28 26.70
N ASP A 537 9.09 13.51 26.15
CA ASP A 537 9.21 14.26 24.90
C ASP A 537 8.75 13.44 23.70
N VAL A 538 9.17 12.18 23.62
CA VAL A 538 8.79 11.33 22.50
C VAL A 538 7.29 11.09 22.48
N ILE A 539 6.67 11.12 23.65
CA ILE A 539 5.22 10.96 23.78
C ILE A 539 4.50 12.15 23.16
N TYR A 540 4.89 13.35 23.56
CA TYR A 540 4.28 14.57 23.08
C TYR A 540 4.40 14.69 21.57
N VAL A 541 5.60 14.44 21.06
CA VAL A 541 5.86 14.53 19.63
C VAL A 541 5.01 13.55 18.84
N ASN A 542 4.90 12.33 19.35
CA ASN A 542 4.09 11.30 18.71
C ASN A 542 2.63 11.73 18.62
N TRP A 543 2.14 12.34 19.68
CA TRP A 543 0.78 12.87 19.71
C TRP A 543 0.67 14.14 18.87
N LEU A 544 1.71 14.96 18.90
CA LEU A 544 1.76 16.18 18.12
C LEU A 544 1.75 15.88 16.63
N ASN A 545 2.52 14.88 16.24
CA ASN A 545 2.59 14.45 14.85
C ASN A 545 1.24 13.93 14.36
N MET A 546 0.54 13.22 15.23
CA MET A 546 -0.74 12.62 14.86
C MET A 546 -1.79 13.67 14.55
N VAL A 547 -1.99 14.62 15.46
CA VAL A 547 -2.98 15.67 15.26
C VAL A 547 -2.58 16.59 14.11
N ARG A 548 -1.28 16.67 13.84
CA ARG A 548 -0.79 17.42 12.69
C ARG A 548 -1.08 16.66 11.41
N ALA A 549 -0.90 15.34 11.46
CA ALA A 549 -1.17 14.47 10.32
C ALA A 549 -2.66 14.47 10.00
N GLY A 550 -3.49 14.57 11.04
CA GLY A 550 -4.93 14.58 10.87
C GLY A 550 -5.39 15.80 10.09
N LEU A 551 -4.66 16.89 10.23
CA LEU A 551 -4.97 18.12 9.50
C LEU A 551 -4.46 18.03 8.06
N LEU A 552 -3.24 17.53 7.92
CA LEU A 552 -2.61 17.34 6.60
C LEU A 552 -3.40 16.35 5.75
N ALA A 553 -4.18 15.49 6.41
CA ALA A 553 -4.91 14.44 5.75
C ALA A 553 -5.99 14.97 4.80
N LEU A 554 -6.38 16.22 4.98
CA LEU A 554 -7.45 16.81 4.19
C LEU A 554 -7.10 16.90 2.70
N GLU A 555 -5.81 16.78 2.40
CA GLU A 555 -5.36 16.73 1.00
C GLU A 555 -5.93 15.51 0.29
N PHE A 556 -6.08 14.42 1.05
CA PHE A 556 -6.48 13.14 0.48
C PHE A 556 -7.98 12.88 0.64
N TYR A 557 -8.75 13.95 0.69
CA TYR A 557 -10.20 13.85 0.75
C TYR A 557 -10.82 14.57 -0.45
N THR A 558 -11.82 13.94 -1.06
CA THR A 558 -12.49 14.50 -2.22
C THR A 558 -13.91 14.95 -1.89
N PRO A 559 -14.10 16.27 -1.72
CA PRO A 559 -15.37 16.86 -1.30
C PRO A 559 -16.52 16.59 -2.27
N GLU A 560 -16.22 16.57 -3.57
CA GLU A 560 -17.25 16.37 -4.58
C GLU A 560 -17.75 14.94 -4.59
N ALA A 561 -16.93 14.02 -4.11
CA ALA A 561 -17.28 12.61 -4.08
C ALA A 561 -17.54 12.14 -2.66
N PHE A 562 -17.26 13.02 -1.69
CA PHE A 562 -17.38 12.70 -0.27
C PHE A 562 -16.62 11.43 0.07
N ASN A 563 -15.41 11.32 -0.48
CA ASN A 563 -14.63 10.10 -0.39
C ASN A 563 -13.19 10.32 0.03
N TRP A 564 -12.71 9.47 0.93
CA TRP A 564 -11.30 9.49 1.30
C TRP A 564 -10.49 8.62 0.34
N ARG A 565 -9.28 9.07 0.01
CA ARG A 565 -8.48 8.41 -1.02
C ARG A 565 -7.30 7.65 -0.44
N GLN A 566 -6.99 7.91 0.83
CA GLN A 566 -5.85 7.27 1.47
C GLN A 566 -6.23 6.78 2.86
N ALA A 567 -6.03 5.49 3.09
CA ALA A 567 -6.49 4.83 4.31
C ALA A 567 -5.83 5.37 5.58
N HIS A 568 -4.51 5.55 5.53
CA HIS A 568 -3.77 5.99 6.71
C HIS A 568 -4.11 7.43 7.10
N MET A 569 -4.29 8.29 6.11
CA MET A 569 -4.57 9.69 6.36
C MET A 569 -6.00 9.87 6.87
N GLN A 570 -6.95 9.13 6.28
CA GLN A 570 -8.32 9.14 6.76
C GLN A 570 -8.37 8.69 8.22
N ALA A 571 -7.54 7.70 8.54
CA ALA A 571 -7.45 7.17 9.89
C ALA A 571 -6.95 8.21 10.87
N ARG A 572 -5.99 9.02 10.43
CA ARG A 572 -5.39 10.03 11.28
C ARG A 572 -6.32 11.24 11.45
N PHE A 573 -7.18 11.47 10.47
CA PHE A 573 -8.18 12.52 10.59
C PHE A 573 -9.23 12.11 11.61
N VAL A 574 -9.55 10.82 11.64
CA VAL A 574 -10.50 10.29 12.59
C VAL A 574 -10.00 10.49 14.02
N ILE A 575 -8.73 10.17 14.25
CA ILE A 575 -8.12 10.33 15.56
C ILE A 575 -8.15 11.80 15.98
N LEU A 576 -7.90 12.70 15.03
CA LEU A 576 -7.97 14.13 15.30
C LEU A 576 -9.38 14.54 15.72
N ARG A 577 -10.38 14.00 15.02
CA ARG A 577 -11.77 14.29 15.31
C ARG A 577 -12.18 13.75 16.69
N VAL A 578 -11.64 12.58 17.02
CA VAL A 578 -11.89 11.98 18.33
C VAL A 578 -11.30 12.83 19.44
N LEU A 579 -10.07 13.28 19.24
CA LEU A 579 -9.40 14.12 20.22
C LEU A 579 -10.04 15.51 20.30
N LEU A 580 -10.52 16.01 19.17
CA LEU A 580 -11.27 17.26 19.15
C LEU A 580 -12.60 17.10 19.88
N GLU A 581 -13.16 15.90 19.80
CA GLU A 581 -14.44 15.60 20.41
C GLU A 581 -14.34 15.62 21.94
N ALA A 582 -13.15 15.32 22.45
CA ALA A 582 -12.91 15.29 23.88
C ALA A 582 -12.96 16.70 24.48
N GLY A 583 -12.66 17.69 23.64
CA GLY A 583 -12.71 19.08 24.07
C GLY A 583 -11.71 19.42 25.15
N GLU A 584 -12.12 20.30 26.05
CA GLU A 584 -11.31 20.74 27.20
C GLU A 584 -9.98 21.33 26.78
N GLY A 585 -9.92 21.89 25.57
CA GLY A 585 -8.73 22.57 25.08
C GLY A 585 -7.53 21.67 24.86
N LEU A 586 -7.77 20.37 24.69
CA LEU A 586 -6.70 19.41 24.42
C LEU A 586 -6.03 19.73 23.08
N VAL A 587 -6.85 19.87 22.04
CA VAL A 587 -6.35 20.19 20.72
C VAL A 587 -7.26 21.21 20.03
N THR A 588 -6.65 22.21 19.41
CA THR A 588 -7.40 23.21 18.65
C THR A 588 -6.74 23.51 17.32
N ILE A 589 -7.55 23.91 16.33
CA ILE A 589 -7.02 24.29 15.03
C ILE A 589 -7.37 25.75 14.74
N THR A 590 -6.35 26.56 14.45
CA THR A 590 -6.54 27.98 14.28
C THR A 590 -6.08 28.48 12.91
N PRO A 591 -7.05 28.91 12.07
CA PRO A 591 -6.71 29.51 10.78
C PRO A 591 -6.00 30.85 10.96
N THR A 592 -4.77 30.94 10.46
CA THR A 592 -3.97 32.16 10.61
C THR A 592 -3.54 32.71 9.26
N THR A 593 -2.52 33.57 9.29
CA THR A 593 -1.94 34.11 8.06
C THR A 593 -0.42 33.90 8.07
N GLY A 594 0.07 33.22 7.05
CA GLY A 594 1.48 32.91 6.96
C GLY A 594 2.35 34.12 6.71
N SER A 595 3.66 33.97 6.92
CA SER A 595 4.60 35.05 6.71
C SER A 595 4.67 35.47 5.25
N ASP A 596 4.31 34.54 4.36
CA ASP A 596 4.34 34.80 2.92
C ASP A 596 3.09 35.55 2.46
N GLY A 597 2.18 35.81 3.39
CA GLY A 597 0.96 36.52 3.07
C GLY A 597 -0.15 35.62 2.57
N ARG A 598 0.06 34.32 2.70
CA ARG A 598 -0.94 33.33 2.28
C ARG A 598 -1.64 32.74 3.50
N PRO A 599 -2.88 32.24 3.32
CA PRO A 599 -3.61 31.59 4.40
C PRO A 599 -2.83 30.45 5.06
N ASP A 600 -2.90 30.36 6.38
CA ASP A 600 -2.17 29.34 7.11
C ASP A 600 -3.00 28.84 8.29
N ALA A 601 -2.43 27.95 9.09
CA ALA A 601 -3.13 27.41 10.26
C ALA A 601 -2.13 26.96 11.31
N ARG A 602 -2.61 26.76 12.54
CA ARG A 602 -1.76 26.32 13.64
C ARG A 602 -2.45 25.24 14.47
N VAL A 603 -1.68 24.23 14.85
CA VAL A 603 -2.19 23.14 15.67
C VAL A 603 -1.71 23.27 17.10
N ARG A 604 -2.64 23.52 18.01
CA ARG A 604 -2.33 23.65 19.44
C ARG A 604 -2.68 22.39 20.20
N LEU A 605 -1.68 21.76 20.81
CA LEU A 605 -1.89 20.56 21.60
C LEU A 605 -1.34 20.73 23.02
N ASP A 606 -2.23 20.81 24.00
CA ASP A 606 -1.82 20.96 25.39
C ASP A 606 -1.17 19.68 25.91
N ARG A 607 0.13 19.78 26.19
CA ARG A 607 0.93 18.65 26.63
C ARG A 607 0.42 18.01 27.92
N SER A 608 -0.23 18.81 28.75
CA SER A 608 -0.66 18.37 30.07
C SER A 608 -1.93 17.54 30.06
N LYS A 609 -2.79 17.79 29.07
CA LYS A 609 -4.09 17.12 29.02
C LYS A 609 -4.07 15.88 28.13
N ILE A 610 -2.88 15.35 27.88
CA ILE A 610 -2.75 14.16 27.05
C ILE A 610 -3.16 12.91 27.84
N ARG A 611 -2.79 12.88 29.12
CA ARG A 611 -3.08 11.72 29.96
C ARG A 611 -4.42 11.86 30.69
N SER A 612 -4.88 13.09 30.86
CA SER A 612 -6.11 13.35 31.60
C SER A 612 -7.33 13.34 30.69
N VAL A 613 -7.16 13.86 29.48
CA VAL A 613 -8.27 13.97 28.53
C VAL A 613 -8.08 13.04 27.33
N GLY A 614 -6.86 12.97 26.83
CA GLY A 614 -6.55 12.18 25.65
C GLY A 614 -6.73 10.69 25.84
N LYS A 615 -6.14 10.13 26.89
CA LYS A 615 -6.23 8.70 27.16
C LYS A 615 -7.69 8.21 27.34
N PRO A 616 -8.52 8.92 28.13
CA PRO A 616 -9.90 8.44 28.23
C PRO A 616 -10.66 8.55 26.91
N ALA A 617 -10.23 9.47 26.04
CA ALA A 617 -10.86 9.62 24.74
C ALA A 617 -10.52 8.45 23.83
N LEU A 618 -9.25 8.07 23.80
CA LEU A 618 -8.81 6.95 22.97
C LEU A 618 -9.29 5.62 23.49
N GLU A 619 -9.17 5.42 24.81
CA GLU A 619 -9.58 4.17 25.45
C GLU A 619 -11.04 3.85 25.15
N ARG A 620 -11.88 4.87 25.22
CA ARG A 620 -13.29 4.74 24.89
C ARG A 620 -13.46 4.41 23.41
N PHE A 621 -12.74 5.15 22.57
CA PHE A 621 -12.82 5.00 21.13
C PHE A 621 -12.23 3.66 20.67
N LEU A 622 -11.10 3.28 21.25
CA LEU A 622 -10.40 2.06 20.87
C LEU A 622 -11.22 0.83 21.23
N ARG A 623 -11.94 0.90 22.34
CA ARG A 623 -12.78 -0.21 22.78
C ARG A 623 -13.97 -0.40 21.83
N ARG A 624 -14.57 0.70 21.40
CA ARG A 624 -15.69 0.65 20.47
C ARG A 624 -15.25 0.11 19.11
N LEU A 625 -14.00 0.39 18.74
CA LEU A 625 -13.44 -0.11 17.49
C LEU A 625 -13.31 -1.63 17.50
N GLN A 626 -12.69 -2.15 18.54
CA GLN A 626 -12.40 -3.57 18.64
C GLN A 626 -13.68 -4.40 18.76
N VAL A 627 -14.64 -3.89 19.50
CA VAL A 627 -15.92 -4.58 19.69
C VAL A 627 -16.65 -4.77 18.37
N LEU A 628 -16.77 -3.69 17.60
CA LEU A 628 -17.44 -3.73 16.31
C LEU A 628 -16.65 -4.55 15.29
N LYS A 629 -15.33 -4.58 15.46
CA LYS A 629 -14.46 -5.35 14.57
C LYS A 629 -14.58 -6.84 14.86
N SER A 630 -14.53 -7.20 16.14
CA SER A 630 -14.59 -8.59 16.56
C SER A 630 -15.92 -9.24 16.20
N THR A 631 -17.00 -8.47 16.30
CA THR A 631 -18.33 -8.99 16.05
C THR A 631 -18.73 -8.84 14.58
N GLY A 632 -17.88 -8.20 13.79
CA GLY A 632 -18.18 -7.98 12.39
C GLY A 632 -19.40 -7.10 12.20
N ASP A 633 -19.63 -6.21 13.16
CA ASP A 633 -20.77 -5.29 13.10
C ASP A 633 -20.47 -4.18 12.10
N VAL A 634 -20.63 -4.50 10.82
CA VAL A 634 -20.33 -3.55 9.75
C VAL A 634 -21.23 -2.32 9.82
N ALA A 635 -22.49 -2.54 10.18
CA ALA A 635 -23.45 -1.44 10.28
C ALA A 635 -23.02 -0.45 11.37
N GLY A 636 -22.70 -0.97 12.54
CA GLY A 636 -22.23 -0.15 13.63
C GLY A 636 -20.84 0.40 13.34
N GLY A 637 -20.02 -0.42 12.69
CA GLY A 637 -18.67 -0.02 12.33
C GLY A 637 -18.65 1.18 11.42
N ARG A 638 -19.52 1.16 10.42
CA ARG A 638 -19.61 2.27 9.47
C ARG A 638 -20.22 3.50 10.12
N ALA A 639 -21.24 3.29 10.95
CA ALA A 639 -21.89 4.39 11.66
C ALA A 639 -20.89 5.10 12.57
N LEU A 640 -19.99 4.32 13.16
CA LEU A 640 -18.97 4.88 14.04
C LEU A 640 -17.86 5.57 13.26
N TYR A 641 -17.27 4.85 12.30
CA TYR A 641 -16.10 5.35 11.59
C TYR A 641 -16.43 6.48 10.62
N GLU A 642 -17.46 6.30 9.80
CA GLU A 642 -17.83 7.31 8.82
C GLU A 642 -18.40 8.56 9.49
N GLY A 643 -18.72 8.44 10.78
CA GLY A 643 -19.16 9.58 11.55
C GLY A 643 -18.02 10.55 11.78
N TYR A 644 -16.92 10.02 12.32
CA TYR A 644 -15.72 10.83 12.55
C TYR A 644 -15.04 11.21 11.24
N ALA A 645 -15.21 10.39 10.22
CA ALA A 645 -14.56 10.62 8.93
C ALA A 645 -15.26 11.71 8.12
N THR A 646 -16.38 12.21 8.63
CA THR A 646 -17.15 13.24 7.95
C THR A 646 -16.41 14.56 7.92
N VAL A 647 -16.30 15.14 6.72
CA VAL A 647 -15.63 16.41 6.54
C VAL A 647 -16.61 17.51 6.18
N THR A 648 -16.86 18.42 7.12
CA THR A 648 -17.76 19.53 6.91
C THR A 648 -17.08 20.86 7.23
N ASP A 649 -17.74 21.96 6.89
CA ASP A 649 -17.21 23.28 7.20
C ASP A 649 -17.85 23.81 8.48
N ALA A 650 -18.19 22.90 9.38
CA ALA A 650 -18.84 23.24 10.64
C ALA A 650 -17.88 23.92 11.60
N PRO A 651 -18.38 24.91 12.36
CA PRO A 651 -17.59 25.61 13.36
C PRO A 651 -17.18 24.68 14.51
N PRO A 652 -16.06 24.99 15.18
CA PRO A 652 -15.19 26.12 14.89
C PRO A 652 -14.04 25.79 13.94
N GLU A 653 -13.86 24.51 13.63
CA GLU A 653 -12.72 24.07 12.82
C GLU A 653 -12.82 24.51 11.36
N SER A 654 -14.00 24.34 10.77
CA SER A 654 -14.21 24.62 9.35
C SER A 654 -13.21 23.85 8.49
N PHE A 655 -13.30 22.53 8.53
CA PHE A 655 -12.34 21.66 7.85
C PHE A 655 -12.31 21.84 6.33
N LEU A 656 -13.47 22.07 5.73
CA LEU A 656 -13.54 22.29 4.29
C LEU A 656 -12.79 23.55 3.89
N THR A 657 -12.74 24.52 4.80
CA THR A 657 -11.97 25.74 4.57
C THR A 657 -10.49 25.47 4.81
N LEU A 658 -10.21 24.67 5.84
CA LEU A 658 -8.84 24.29 6.17
C LEU A 658 -8.18 23.50 5.04
N ARG A 659 -8.99 22.72 4.33
CA ARG A 659 -8.50 21.87 3.26
C ARG A 659 -7.83 22.69 2.15
N ASP A 660 -8.44 23.82 1.81
CA ASP A 660 -7.88 24.71 0.79
C ASP A 660 -6.51 25.23 1.21
N THR A 661 -6.31 25.39 2.51
CA THR A 661 -5.04 25.85 3.05
C THR A 661 -4.03 24.70 3.05
N VAL A 662 -4.50 23.50 3.35
CA VAL A 662 -3.67 22.30 3.35
C VAL A 662 -3.12 22.04 1.96
N LEU A 663 -3.97 22.14 0.95
CA LEU A 663 -3.57 21.94 -0.44
C LEU A 663 -2.59 23.02 -0.89
N LEU A 664 -2.87 24.26 -0.50
CA LEU A 664 -2.05 25.40 -0.90
C LEU A 664 -0.61 25.28 -0.43
N ARG A 665 -0.42 24.69 0.75
CA ARG A 665 0.91 24.58 1.34
C ARG A 665 1.36 23.13 1.45
N LYS A 666 0.82 22.27 0.58
CA LYS A 666 1.15 20.85 0.62
C LYS A 666 2.54 20.61 0.04
N GLU A 667 3.15 19.50 0.45
CA GLU A 667 4.46 19.12 -0.07
C GLU A 667 4.39 17.73 -0.70
N SER A 668 5.00 17.58 -1.87
CA SER A 668 4.96 16.31 -2.59
C SER A 668 5.86 15.27 -1.93
N ARG A 669 5.37 14.04 -1.86
CA ARG A 669 6.12 12.92 -1.32
C ARG A 669 7.35 12.60 -2.20
N LYS A 670 8.46 12.29 -1.56
CA LYS A 670 9.70 11.98 -2.25
C LYS A 670 9.59 10.75 -3.15
N LEU A 671 10.30 10.79 -4.28
CA LEU A 671 10.47 9.61 -5.12
C LEU A 671 11.70 8.85 -4.63
N ILE A 672 11.61 7.53 -4.60
CA ILE A 672 12.72 6.72 -4.08
C ILE A 672 13.36 5.85 -5.16
N VAL A 673 14.65 6.05 -5.36
CA VAL A 673 15.42 5.25 -6.30
C VAL A 673 15.90 3.97 -5.62
N GLN A 674 15.73 2.84 -6.29
CA GLN A 674 16.15 1.56 -5.76
C GLN A 674 17.30 0.98 -6.59
N PRO A 675 18.18 0.20 -5.95
CA PRO A 675 19.34 -0.35 -6.65
C PRO A 675 19.00 -1.57 -7.50
N ASN A 676 19.97 -2.04 -8.27
CA ASN A 676 19.81 -3.26 -9.05
C ASN A 676 20.89 -4.28 -8.71
N THR A 677 20.65 -5.53 -9.09
CA THR A 677 21.62 -6.59 -8.91
C THR A 677 21.92 -7.28 -10.23
N ARG A 678 23.20 -7.45 -10.54
CA ARG A 678 23.62 -8.09 -11.78
C ARG A 678 24.44 -9.35 -11.52
N LEU A 679 24.53 -10.20 -12.53
CA LEU A 679 25.30 -11.44 -12.41
C LEU A 679 26.53 -11.41 -13.30
N GLU A 680 27.47 -10.53 -12.98
CA GLU A 680 28.72 -10.47 -13.73
C GLU A 680 29.62 -11.64 -13.34
N GLY A 681 29.73 -12.61 -14.23
CA GLY A 681 30.52 -13.80 -13.96
C GLY A 681 29.81 -14.74 -13.01
N SER A 682 30.46 -15.03 -11.88
CA SER A 682 29.89 -15.94 -10.89
C SER A 682 29.51 -15.20 -9.61
N ASP A 683 29.56 -13.87 -9.66
CA ASP A 683 29.25 -13.06 -8.49
C ASP A 683 28.06 -12.14 -8.74
N VAL A 684 27.47 -11.66 -7.65
CA VAL A 684 26.37 -10.70 -7.74
C VAL A 684 26.86 -9.31 -7.36
N GLN A 685 26.70 -8.35 -8.27
CA GLN A 685 27.10 -6.98 -8.00
C GLN A 685 25.88 -6.10 -7.78
N LEU A 686 26.03 -5.08 -6.93
CA LEU A 686 24.97 -4.14 -6.64
C LEU A 686 25.17 -2.84 -7.40
N LEU A 687 24.20 -2.46 -8.22
CA LEU A 687 24.27 -1.23 -8.98
C LEU A 687 23.47 -0.12 -8.31
N GLU A 688 24.11 1.02 -8.07
CA GLU A 688 23.46 2.14 -7.42
C GLU A 688 23.31 3.31 -8.38
N TYR A 689 22.40 4.22 -8.09
CA TYR A 689 22.02 5.27 -9.03
C TYR A 689 21.90 6.63 -8.36
N GLU A 690 21.97 7.68 -9.17
CA GLU A 690 21.85 9.04 -8.69
C GLU A 690 20.47 9.31 -8.11
N ALA A 691 20.43 9.98 -6.96
CA ALA A 691 19.17 10.35 -6.34
C ALA A 691 18.52 11.51 -7.11
N SER A 692 17.99 11.21 -8.28
CA SER A 692 17.36 12.20 -9.12
C SER A 692 16.31 11.54 -10.02
N ALA A 693 15.61 12.35 -10.81
CA ALA A 693 14.65 11.82 -11.76
C ALA A 693 15.35 10.98 -12.81
N ALA A 694 16.46 11.50 -13.33
CA ALA A 694 17.24 10.81 -14.34
C ALA A 694 17.84 9.52 -13.78
N GLY A 695 18.27 9.57 -12.52
CA GLY A 695 18.84 8.41 -11.86
C GLY A 695 17.81 7.31 -11.66
N LEU A 696 16.58 7.70 -11.35
CA LEU A 696 15.49 6.75 -11.16
C LEU A 696 15.13 6.11 -12.50
N ILE A 697 15.14 6.92 -13.54
CA ILE A 697 14.87 6.43 -14.89
C ILE A 697 15.93 5.41 -15.31
N ARG A 698 17.18 5.72 -15.00
CA ARG A 698 18.30 4.83 -15.31
C ARG A 698 18.20 3.51 -14.56
N SER A 699 17.62 3.54 -13.36
CA SER A 699 17.50 2.34 -12.54
C SER A 699 16.52 1.35 -13.17
N PHE A 700 15.57 1.86 -13.94
CA PHE A 700 14.61 1.02 -14.63
C PHE A 700 15.08 0.64 -16.03
N SER A 701 16.02 1.43 -16.56
CA SER A 701 16.60 1.13 -17.87
C SER A 701 17.53 -0.07 -17.77
N GLU A 702 18.08 -0.30 -16.57
CA GLU A 702 19.00 -1.40 -16.34
C GLU A 702 18.33 -2.51 -15.52
N ARG A 703 17.04 -2.35 -15.27
CA ARG A 703 16.31 -3.27 -14.42
C ARG A 703 16.01 -4.59 -15.13
N PHE A 704 15.77 -4.53 -16.43
CA PHE A 704 15.48 -5.71 -17.22
C PHE A 704 16.37 -5.79 -18.46
N PRO A 705 17.65 -6.16 -18.28
CA PRO A 705 18.62 -6.14 -19.37
C PRO A 705 18.48 -7.31 -20.35
N GLU A 706 17.86 -8.40 -19.93
CA GLU A 706 17.77 -9.59 -20.77
C GLU A 706 16.52 -9.58 -21.66
N ASP A 707 15.39 -9.15 -21.10
CA ASP A 707 14.12 -9.25 -21.80
C ASP A 707 13.30 -7.95 -21.73
N GLY A 708 14.00 -6.83 -21.67
CA GLY A 708 13.36 -5.52 -21.65
C GLY A 708 12.35 -5.28 -22.76
N PRO A 709 12.79 -5.37 -24.02
CA PRO A 709 11.88 -5.21 -25.17
C PRO A 709 10.74 -6.22 -25.18
N GLU A 710 10.95 -7.40 -24.61
CA GLU A 710 9.90 -8.41 -24.56
C GLU A 710 8.80 -8.00 -23.57
N LEU A 711 9.21 -7.45 -22.44
CA LEU A 711 8.26 -7.00 -21.42
C LEU A 711 7.37 -5.89 -21.93
N GLU A 712 7.93 -5.00 -22.75
CA GLU A 712 7.17 -3.91 -23.35
C GLU A 712 6.08 -4.44 -24.26
N GLU A 713 6.42 -5.46 -25.04
CA GLU A 713 5.47 -6.09 -25.95
C GLU A 713 4.38 -6.84 -25.19
N ILE A 714 4.78 -7.47 -24.08
CA ILE A 714 3.85 -8.22 -23.24
C ILE A 714 2.81 -7.29 -22.60
N LEU A 715 3.28 -6.20 -22.01
CA LEU A 715 2.39 -5.22 -21.38
C LEU A 715 1.47 -4.58 -22.41
N THR A 716 2.00 -4.36 -23.61
CA THR A 716 1.24 -3.76 -24.69
C THR A 716 0.09 -4.67 -25.13
N GLN A 717 0.35 -5.95 -25.29
CA GLN A 717 -0.65 -6.89 -25.79
C GLN A 717 -1.67 -7.24 -24.70
N LEU A 718 -1.23 -7.23 -23.45
CA LEU A 718 -2.15 -7.49 -22.33
C LEU A 718 -3.13 -6.33 -22.17
N ALA A 719 -2.65 -5.12 -22.41
CA ALA A 719 -3.50 -3.93 -22.33
C ALA A 719 -4.47 -3.86 -23.50
N THR A 720 -3.99 -4.23 -24.68
CA THR A 720 -4.80 -4.22 -25.89
C THR A 720 -5.94 -5.23 -25.80
N ALA A 721 -5.68 -6.36 -25.15
CA ALA A 721 -6.67 -7.40 -24.99
C ALA A 721 -7.88 -6.94 -24.18
N ASP A 722 -7.63 -6.07 -23.20
CA ASP A 722 -8.69 -5.60 -22.31
C ASP A 722 -9.18 -4.21 -22.65
N ALA A 723 -8.84 -3.72 -23.84
CA ALA A 723 -9.13 -2.35 -24.23
C ALA A 723 -10.62 -2.03 -24.29
N ARG A 724 -11.44 -3.05 -24.53
CA ARG A 724 -12.87 -2.84 -24.66
C ARG A 724 -13.56 -2.54 -23.33
N PHE A 725 -12.85 -2.82 -22.24
CA PHE A 725 -13.41 -2.69 -20.90
C PHE A 725 -13.53 -1.25 -20.43
N TRP A 726 -12.73 -0.36 -21.02
CA TRP A 726 -12.70 1.02 -20.56
C TRP A 726 -12.74 2.01 -21.72
N TYR B 1 -0.85 -5.75 6.12
CA TYR B 1 -1.16 -4.42 6.65
C TYR B 1 0.12 -3.61 6.87
N PRO B 2 0.48 -2.77 5.89
CA PRO B 2 1.68 -1.93 5.97
C PRO B 2 1.49 -0.69 6.83
N PHE B 3 2.35 0.30 6.61
CA PHE B 3 2.32 1.55 7.35
C PHE B 3 3.01 2.64 6.54
N PHE B 4 2.23 3.60 6.07
CA PHE B 4 2.75 4.66 5.21
C PHE B 4 2.75 6.00 5.95
N NH2 B 5 3.47 6.93 5.57
ZN ZN C . -0.43 -0.57 9.42
MG MG D . 5.05 5.42 -5.19
K K E . -9.07 -3.48 2.25
MG MG F . -14.79 3.61 -13.00
#